data_3ZXJ
#
_entry.id   3ZXJ
#
_cell.length_a   65.318
_cell.length_b   78.260
_cell.length_c   95.767
_cell.angle_alpha   90.00
_cell.angle_beta   103.13
_cell.angle_gamma   90.00
#
_symmetry.space_group_name_H-M   'P 1 21 1'
#
loop_
_entity.id
_entity.type
_entity.pdbx_description
1 polymer HIAXHD3
2 non-polymer 2-[BIS-(2-HYDROXY-ETHYL)-AMINO]-2-HYDROXYMETHYL-PROPANE-1,3-DIOL
3 non-polymer 'SULFATE ION'
4 non-polymer DI(HYDROXYETHYL)ETHER
5 water water
#
_entity_poly.entity_id   1
_entity_poly.type   'polypeptide(L)'
_entity_poly.pdbx_seq_one_letter_code
;(MSE)PRQASTFTNPVLWEDHPDLEVFRVGSVFYYSSSTFAYSPGAPVLKSYDLVHWTPVTHSVPRLNFGSNYDLPSGTP
GAYVKGIWASTLRYRRSNDRFYWYGCVEGRTYLWTSPGGNALANNGEVPPSAWNWQHTATIDNCYYDAGLLIDDDDT
(MSE)YIAYGNPTINVAQLSPDGTRQVRVQQRVYAHPQGQTVEGAR(MSE)YKIRGNYYILVTRPADAEYVLRSTTGSPF
GPYEARTLVSRIQGPLANAGFAHQGGIVDAPDGTWHYVAF(MSE)DAYPGGRIPVVAPLRWTADGWPEVVTDSQGRWGTS
YPIPVRGAKNATEGLASTDLDEFRGTRFSEHWEWNHNPDTSKFTLLGGNEGGLILRTATVTGDLFAARNTLTRRIAGPKA
SGIFRLDVRG(MSE)RDGDRAGAVLFRDRAAYIGVWKQGNEARIV(MSE)VDDLRLNEDGWRTASTGRVAANGPVIDTNA
QQDIWLRIDADITPAFGTNTERTTTFYYSIDGGRTYTRLGPAFA(MSE)TNSWRYFTGYRFGVFNFSTKSLGGEVKVKGF
K(MSE)N(MSE)ILEHHHHHH
;
_entity_poly.pdbx_strand_id   A,B
#
# COMPACT_ATOMS: atom_id res chain seq x y z
N GLN A 4 6.90 13.78 12.09
CA GLN A 4 5.62 13.91 11.34
C GLN A 4 5.45 15.36 10.87
N ALA A 5 4.88 15.53 9.68
CA ALA A 5 4.51 16.86 9.17
C ALA A 5 3.43 17.49 10.07
N SER A 6 3.60 18.78 10.37
CA SER A 6 2.59 19.51 11.13
C SER A 6 1.81 20.48 10.25
N THR A 7 2.28 20.71 9.02
CA THR A 7 1.58 21.57 8.03
C THR A 7 1.41 20.90 6.69
N PHE A 8 0.55 21.46 5.84
CA PHE A 8 0.37 20.98 4.47
C PHE A 8 0.48 22.14 3.50
N THR A 9 0.76 21.88 2.24
CA THR A 9 0.76 22.94 1.23
C THR A 9 -0.38 22.77 0.24
N ASN A 10 -0.93 23.87 -0.23
CA ASN A 10 -1.94 23.89 -1.27
C ASN A 10 -1.31 23.89 -2.66
N PRO A 11 -1.96 23.23 -3.66
CA PRO A 11 -3.22 22.47 -3.59
C PRO A 11 -3.01 21.11 -2.93
N VAL A 12 -4.07 20.58 -2.34
CA VAL A 12 -3.92 19.31 -1.60
C VAL A 12 -3.85 18.10 -2.53
N LEU A 13 -4.47 18.22 -3.70
CA LEU A 13 -4.37 17.16 -4.71
C LEU A 13 -4.29 17.87 -6.02
N TRP A 14 -3.23 17.63 -6.79
CA TRP A 14 -3.09 18.34 -8.06
C TRP A 14 -3.66 17.53 -9.21
N GLU A 15 -4.95 17.22 -9.13
CA GLU A 15 -5.61 16.42 -10.17
C GLU A 15 -7.02 16.96 -10.29
N ASP A 16 -7.55 16.93 -11.50
CA ASP A 16 -8.83 17.51 -11.85
C ASP A 16 -10.00 16.76 -11.21
N HIS A 17 -10.55 17.32 -10.13
CA HIS A 17 -11.68 16.76 -9.39
C HIS A 17 -12.65 17.88 -9.04
N PRO A 18 -13.42 18.36 -10.05
CA PRO A 18 -14.22 19.56 -9.92
C PRO A 18 -15.56 19.32 -9.19
N ASP A 19 -16.21 20.43 -8.81
CA ASP A 19 -17.58 20.42 -8.27
C ASP A 19 -17.69 19.58 -7.01
N LEU A 20 -16.63 19.67 -6.18
CA LEU A 20 -16.48 18.77 -5.07
C LEU A 20 -17.58 18.89 -4.01
N GLU A 21 -17.90 17.75 -3.41
CA GLU A 21 -18.64 17.70 -2.17
C GLU A 21 -17.75 16.97 -1.16
N VAL A 22 -17.66 17.49 0.06
CA VAL A 22 -16.87 16.83 1.09
C VAL A 22 -17.70 16.61 2.36
N PHE A 23 -17.50 15.47 3.01
CA PHE A 23 -18.12 15.20 4.31
C PHE A 23 -17.25 14.21 5.11
N ARG A 24 -17.59 14.04 6.37
CA ARG A 24 -16.81 13.18 7.25
C ARG A 24 -17.74 12.10 7.81
N VAL A 25 -17.23 10.87 7.82
CA VAL A 25 -17.87 9.79 8.56
C VAL A 25 -16.80 9.24 9.51
N GLY A 26 -17.00 9.42 10.82
CA GLY A 26 -15.98 8.96 11.79
C GLY A 26 -14.63 9.61 11.54
N SER A 27 -13.61 8.81 11.24
CA SER A 27 -12.26 9.33 10.97
C SER A 27 -11.97 9.49 9.49
N VAL A 28 -12.97 9.28 8.65
CA VAL A 28 -12.70 9.27 7.20
C VAL A 28 -13.41 10.46 6.55
N PHE A 29 -12.66 11.22 5.75
CA PHE A 29 -13.30 12.24 4.91
C PHE A 29 -13.55 11.67 3.51
N TYR A 30 -14.70 12.01 2.93
CA TYR A 30 -15.07 11.57 1.59
C TYR A 30 -15.28 12.76 0.68
N TYR A 31 -14.96 12.58 -0.59
CA TYR A 31 -14.92 13.67 -1.56
C TYR A 31 -15.56 13.13 -2.83
N SER A 32 -16.55 13.82 -3.37
CA SER A 32 -17.23 13.39 -4.60
C SER A 32 -17.04 14.45 -5.67
N SER A 33 -16.64 14.06 -6.89
CA SER A 33 -16.45 15.04 -7.98
C SER A 33 -17.30 14.74 -9.21
N SER A 34 -17.31 15.68 -10.16
CA SER A 34 -18.11 15.54 -11.39
C SER A 34 -17.25 15.10 -12.58
N THR A 35 -17.88 14.43 -13.53
CA THR A 35 -17.09 13.75 -14.57
C THR A 35 -17.66 13.84 -15.98
N PHE A 36 -18.78 14.55 -16.15
CA PHE A 36 -19.27 14.80 -17.52
C PHE A 36 -19.52 13.47 -18.25
N ALA A 37 -18.99 13.24 -19.45
CA ALA A 37 -19.27 11.99 -20.18
C ALA A 37 -18.24 10.90 -19.91
N TYR A 38 -17.36 11.10 -18.92
CA TYR A 38 -16.41 10.02 -18.60
C TYR A 38 -17.10 8.90 -17.77
N SER A 39 -16.71 7.64 -18.00
CA SER A 39 -17.44 6.49 -17.48
C SER A 39 -16.44 5.43 -16.98
N PRO A 40 -16.55 4.98 -15.71
CA PRO A 40 -17.57 5.30 -14.73
C PRO A 40 -17.49 6.75 -14.27
N GLY A 41 -18.59 7.24 -13.73
CA GLY A 41 -18.65 8.61 -13.30
C GLY A 41 -18.77 8.81 -11.79
N ALA A 42 -18.58 10.06 -11.38
CA ALA A 42 -18.75 10.51 -9.99
C ALA A 42 -17.80 9.76 -9.03
N PRO A 43 -16.49 9.99 -9.18
CA PRO A 43 -15.54 9.35 -8.29
C PRO A 43 -15.75 9.80 -6.86
N VAL A 44 -15.36 8.92 -5.93
CA VAL A 44 -15.32 9.21 -4.51
C VAL A 44 -13.87 9.02 -4.07
N LEU A 45 -13.31 10.02 -3.39
CA LEU A 45 -11.95 9.93 -2.83
C LEU A 45 -12.08 9.88 -1.32
N LYS A 46 -11.07 9.30 -0.66
CA LYS A 46 -11.05 9.32 0.79
C LYS A 46 -9.72 9.85 1.31
N SER A 47 -9.79 10.43 2.50
CA SER A 47 -8.62 11.00 3.18
C SER A 47 -8.86 10.85 4.67
N TYR A 48 -7.79 10.71 5.45
CA TYR A 48 -7.88 10.80 6.90
C TYR A 48 -7.51 12.18 7.41
N ASP A 49 -7.03 13.08 6.54
CA ASP A 49 -6.52 14.38 6.97
C ASP A 49 -6.86 15.59 6.09
N LEU A 50 -7.70 15.40 5.06
CA LEU A 50 -8.06 16.43 4.06
C LEU A 50 -6.93 16.82 3.08
N VAL A 51 -5.78 16.19 3.26
CA VAL A 51 -4.58 16.50 2.51
C VAL A 51 -4.23 15.37 1.54
N HIS A 52 -4.18 14.13 2.05
CA HIS A 52 -3.79 12.98 1.25
C HIS A 52 -4.98 12.19 0.82
N TRP A 53 -5.31 12.32 -0.47
CA TRP A 53 -6.53 11.73 -1.01
C TRP A 53 -6.24 10.53 -1.87
N THR A 54 -7.13 9.54 -1.84
CA THR A 54 -7.01 8.35 -2.70
C THR A 54 -8.40 7.98 -3.22
N PRO A 55 -8.52 7.72 -4.54
CA PRO A 55 -9.80 7.35 -5.14
C PRO A 55 -10.21 5.95 -4.66
N VAL A 56 -11.46 5.79 -4.23
CA VAL A 56 -11.90 4.49 -3.71
C VAL A 56 -13.07 3.83 -4.42
N THR A 57 -13.93 4.64 -5.04
CA THR A 57 -15.05 4.06 -5.80
C THR A 57 -15.60 5.10 -6.79
N HIS A 58 -16.62 4.72 -7.56
CA HIS A 58 -17.35 5.64 -8.46
C HIS A 58 -18.81 5.39 -8.22
N SER A 59 -19.58 6.45 -8.00
CA SER A 59 -21.01 6.30 -7.68
C SER A 59 -21.88 5.85 -8.88
N VAL A 60 -21.39 6.08 -10.11
CA VAL A 60 -22.16 5.74 -11.33
C VAL A 60 -21.31 4.81 -12.21
N PRO A 61 -21.41 3.49 -11.98
CA PRO A 61 -20.49 2.56 -12.66
C PRO A 61 -20.63 2.51 -14.20
N ARG A 62 -21.82 2.82 -14.72
CA ARG A 62 -22.02 2.98 -16.14
C ARG A 62 -23.07 4.07 -16.26
N LEU A 63 -22.81 5.03 -17.16
CA LEU A 63 -23.70 6.20 -17.29
C LEU A 63 -25.02 5.74 -17.87
N ASN A 64 -26.11 5.98 -17.15
CA ASN A 64 -27.42 5.46 -17.51
C ASN A 64 -28.36 6.55 -17.99
N PHE A 65 -27.83 7.56 -18.69
CA PHE A 65 -28.60 8.78 -18.96
C PHE A 65 -29.04 8.88 -20.42
N GLY A 66 -28.98 7.78 -21.14
CA GLY A 66 -29.46 7.78 -22.51
C GLY A 66 -28.45 7.26 -23.50
N SER A 67 -28.91 6.96 -24.72
CA SER A 67 -28.04 6.25 -25.67
C SER A 67 -26.88 7.09 -26.22
N ASN A 68 -26.97 8.42 -26.17
CA ASN A 68 -25.79 9.24 -26.55
C ASN A 68 -24.55 8.91 -25.74
N TYR A 69 -24.78 8.44 -24.52
CA TYR A 69 -23.68 8.17 -23.59
C TYR A 69 -22.89 6.92 -24.01
N ASP A 70 -23.42 6.21 -25.00
CA ASP A 70 -22.74 5.03 -25.55
C ASP A 70 -21.90 5.38 -26.78
N LEU A 71 -21.83 6.67 -27.15
CA LEU A 71 -21.12 7.16 -28.35
C LEU A 71 -21.45 6.29 -29.58
N PRO A 72 -22.76 6.16 -29.92
CA PRO A 72 -23.20 5.28 -31.02
C PRO A 72 -22.80 5.76 -32.41
N SER A 73 -22.68 7.07 -32.58
CA SER A 73 -22.58 7.62 -33.93
C SER A 73 -21.84 8.94 -33.98
N GLY A 74 -20.71 9.00 -33.29
CA GLY A 74 -19.80 10.11 -33.47
C GLY A 74 -20.16 11.31 -32.63
N THR A 75 -19.43 12.41 -32.88
CA THR A 75 -19.68 13.65 -32.16
C THR A 75 -21.03 14.21 -32.64
N PRO A 76 -21.74 14.95 -31.78
CA PRO A 76 -21.31 15.47 -30.48
C PRO A 76 -21.40 14.48 -29.32
N GLY A 77 -21.93 13.28 -29.55
CA GLY A 77 -22.06 12.25 -28.50
C GLY A 77 -22.76 12.86 -27.31
N ALA A 78 -22.12 12.78 -26.14
CA ALA A 78 -22.57 13.44 -24.95
C ALA A 78 -21.41 14.25 -24.36
N TYR A 79 -20.47 14.65 -25.21
CA TYR A 79 -19.31 15.44 -24.74
C TYR A 79 -19.77 16.65 -23.93
N VAL A 80 -19.18 16.80 -22.74
CA VAL A 80 -19.44 17.93 -21.82
C VAL A 80 -20.90 18.00 -21.29
N LYS A 81 -21.64 16.90 -21.47
CA LYS A 81 -22.96 16.76 -20.86
C LYS A 81 -22.77 15.86 -19.64
N GLY A 82 -23.64 14.87 -19.42
CA GLY A 82 -23.40 13.93 -18.31
C GLY A 82 -23.39 14.57 -16.93
N ILE A 83 -22.48 14.12 -16.08
CA ILE A 83 -22.49 14.51 -14.69
C ILE A 83 -21.89 15.89 -14.49
N TRP A 84 -22.74 16.83 -14.07
CA TRP A 84 -22.27 18.16 -13.67
C TRP A 84 -22.20 18.21 -12.17
N ALA A 85 -22.30 19.39 -11.58
CA ALA A 85 -22.23 19.42 -10.13
C ALA A 85 -23.37 18.59 -9.51
N SER A 86 -22.99 17.67 -8.62
CA SER A 86 -23.91 16.70 -8.05
C SER A 86 -23.67 16.68 -6.54
N THR A 87 -24.18 15.66 -5.86
CA THR A 87 -24.09 15.62 -4.40
C THR A 87 -24.03 14.18 -3.84
N LEU A 88 -23.34 14.01 -2.72
CA LEU A 88 -23.22 12.71 -2.07
C LEU A 88 -23.25 12.91 -0.57
N ARG A 89 -24.02 12.06 0.12
CA ARG A 89 -23.96 12.00 1.59
C ARG A 89 -24.09 10.55 2.07
N TYR A 90 -23.63 10.28 3.29
CA TYR A 90 -23.79 8.96 3.90
C TYR A 90 -24.95 8.95 4.91
N ARG A 91 -25.89 8.04 4.70
CA ARG A 91 -27.04 7.91 5.62
C ARG A 91 -26.76 6.87 6.70
N ARG A 92 -26.59 7.33 7.94
CA ARG A 92 -26.26 6.43 9.06
C ARG A 92 -27.37 5.42 9.37
N SER A 93 -28.62 5.86 9.28
CA SER A 93 -29.73 5.06 9.74
C SER A 93 -29.84 3.73 8.99
N ASN A 94 -29.50 3.73 7.70
CA ASN A 94 -29.58 2.49 6.90
C ASN A 94 -28.24 2.10 6.27
N ASP A 95 -27.17 2.77 6.71
CA ASP A 95 -25.82 2.45 6.27
C ASP A 95 -25.79 2.44 4.73
N ARG A 96 -26.16 3.56 4.15
CA ARG A 96 -26.24 3.65 2.71
C ARG A 96 -25.76 5.04 2.24
N PHE A 97 -24.95 5.05 1.19
CA PHE A 97 -24.53 6.29 0.53
C PHE A 97 -25.55 6.66 -0.52
N TYR A 98 -25.91 7.94 -0.57
CA TYR A 98 -26.84 8.42 -1.60
C TYR A 98 -26.13 9.46 -2.46
N TRP A 99 -26.07 9.19 -3.76
CA TRP A 99 -25.55 10.13 -4.79
C TRP A 99 -26.71 10.57 -5.66
N TYR A 100 -26.96 11.90 -5.74
CA TYR A 100 -27.98 12.51 -6.61
C TYR A 100 -27.28 13.38 -7.66
N GLY A 101 -27.68 13.28 -8.93
CA GLY A 101 -27.15 14.20 -9.94
C GLY A 101 -28.18 14.45 -11.02
N CYS A 102 -28.36 15.72 -11.36
CA CYS A 102 -29.29 16.11 -12.40
C CYS A 102 -28.57 16.02 -13.73
N VAL A 103 -29.11 15.24 -14.65
CA VAL A 103 -28.54 15.13 -16.00
C VAL A 103 -29.66 15.36 -17.00
N GLU A 104 -29.51 16.42 -17.79
CA GLU A 104 -30.48 16.81 -18.82
C GLU A 104 -31.93 16.76 -18.32
N GLY A 105 -32.19 17.46 -17.21
CA GLY A 105 -33.56 17.70 -16.74
C GLY A 105 -34.17 16.71 -15.76
N ARG A 106 -33.49 15.59 -15.53
CA ARG A 106 -33.96 14.59 -14.58
C ARG A 106 -32.87 14.37 -13.54
N THR A 107 -33.25 14.00 -12.33
CA THR A 107 -32.27 13.75 -11.28
C THR A 107 -32.19 12.26 -10.98
N TYR A 108 -30.96 11.73 -10.99
CA TYR A 108 -30.72 10.30 -10.87
C TYR A 108 -30.12 10.05 -9.49
N LEU A 109 -30.65 9.04 -8.81
CA LEU A 109 -30.17 8.55 -7.53
C LEU A 109 -29.50 7.21 -7.70
N TRP A 110 -28.23 7.15 -7.29
CA TRP A 110 -27.46 5.91 -7.23
C TRP A 110 -27.09 5.72 -5.80
N THR A 111 -27.29 4.52 -5.26
CA THR A 111 -26.93 4.26 -3.85
C THR A 111 -26.04 3.04 -3.69
N SER A 112 -25.31 2.99 -2.59
CA SER A 112 -24.50 1.83 -2.24
C SER A 112 -24.57 1.56 -0.75
N PRO A 113 -24.58 0.27 -0.34
CA PRO A 113 -24.42 0.02 1.09
C PRO A 113 -23.03 0.46 1.54
N GLY A 114 -22.85 0.67 2.85
CA GLY A 114 -21.55 1.16 3.34
C GLY A 114 -20.73 0.16 4.12
N GLY A 115 -21.12 -1.12 4.06
CA GLY A 115 -20.42 -2.20 4.78
C GLY A 115 -20.29 -1.94 6.27
N ASN A 116 -21.35 -1.38 6.86
CA ASN A 116 -21.36 -1.04 8.28
C ASN A 116 -20.33 0.06 8.65
N ALA A 117 -20.19 1.07 7.78
CA ALA A 117 -19.20 2.13 8.01
C ALA A 117 -19.38 2.89 9.31
N LEU A 118 -20.63 3.26 9.63
CA LEU A 118 -20.93 4.01 10.87
C LEU A 118 -20.35 3.34 12.12
N ALA A 119 -20.29 2.01 12.10
CA ALA A 119 -19.78 1.22 13.22
C ALA A 119 -18.28 0.93 13.11
N ASN A 120 -17.68 1.27 11.98
CA ASN A 120 -16.26 0.97 11.74
C ASN A 120 -15.41 2.20 11.48
N ASN A 121 -15.78 3.28 12.16
CA ASN A 121 -15.04 4.55 12.12
C ASN A 121 -15.03 5.19 10.73
N GLY A 122 -16.06 4.90 9.95
CA GLY A 122 -16.18 5.48 8.63
C GLY A 122 -15.57 4.68 7.50
N GLU A 123 -15.00 3.53 7.81
CA GLU A 123 -14.36 2.69 6.78
C GLU A 123 -15.39 1.92 6.01
N VAL A 124 -15.21 1.84 4.69
CA VAL A 124 -16.02 0.94 3.88
C VAL A 124 -15.10 -0.11 3.30
N PRO A 125 -15.40 -1.42 3.52
CA PRO A 125 -14.54 -2.45 2.91
C PRO A 125 -14.59 -2.31 1.38
N PRO A 126 -13.42 -2.42 0.70
CA PRO A 126 -13.45 -2.30 -0.76
C PRO A 126 -14.50 -3.20 -1.41
N SER A 127 -14.68 -4.41 -0.87
CA SER A 127 -15.64 -5.36 -1.44
C SER A 127 -17.11 -5.00 -1.19
N ALA A 128 -17.37 -4.00 -0.34
CA ALA A 128 -18.75 -3.67 0.02
C ALA A 128 -19.45 -2.72 -0.96
N TRP A 129 -18.68 -1.87 -1.63
CA TRP A 129 -19.25 -0.91 -2.59
C TRP A 129 -20.05 -1.65 -3.61
N ASN A 130 -21.30 -1.24 -3.79
CA ASN A 130 -22.16 -1.88 -4.78
C ASN A 130 -23.22 -0.87 -5.20
N TRP A 131 -22.88 -0.07 -6.22
CA TRP A 131 -23.75 1.06 -6.61
C TRP A 131 -24.79 0.61 -7.55
N GLN A 132 -26.03 0.97 -7.24
CA GLN A 132 -27.18 0.60 -8.06
CA GLN A 132 -27.16 0.60 -8.07
C GLN A 132 -28.07 1.81 -8.28
N HIS A 133 -28.62 1.90 -9.48
CA HIS A 133 -29.58 2.96 -9.80
C HIS A 133 -30.82 2.74 -8.98
N THR A 134 -31.14 3.67 -8.10
CA THR A 134 -32.19 3.48 -7.12
C THR A 134 -33.48 4.23 -7.46
N ALA A 135 -33.35 5.44 -8.01
CA ALA A 135 -34.54 6.21 -8.46
C ALA A 135 -34.18 7.21 -9.56
N THR A 136 -35.21 7.65 -10.29
CA THR A 136 -35.10 8.82 -11.15
C THR A 136 -36.18 9.81 -10.75
N ILE A 137 -35.78 11.02 -10.35
CA ILE A 137 -36.76 12.06 -9.94
C ILE A 137 -36.92 13.03 -11.11
N ASP A 138 -38.15 13.25 -11.54
CA ASP A 138 -38.41 14.14 -12.68
C ASP A 138 -38.42 15.60 -12.28
N ASN A 139 -37.44 15.98 -11.48
CA ASN A 139 -37.19 17.36 -11.15
C ASN A 139 -35.74 17.71 -11.53
N CYS A 140 -35.54 18.94 -11.96
CA CYS A 140 -34.22 19.44 -12.33
C CYS A 140 -33.54 19.99 -11.05
N TYR A 141 -32.82 19.14 -10.33
CA TYR A 141 -32.04 19.62 -9.18
C TYR A 141 -30.68 20.06 -9.65
N TYR A 142 -30.66 21.12 -10.46
CA TYR A 142 -29.43 21.73 -10.94
C TYR A 142 -28.50 22.16 -9.77
N ASP A 143 -27.24 21.72 -9.82
CA ASP A 143 -26.26 22.02 -8.77
C ASP A 143 -26.84 21.69 -7.39
N ALA A 144 -27.23 20.43 -7.21
CA ALA A 144 -27.87 19.91 -6.01
C ALA A 144 -26.89 19.86 -4.83
N GLY A 145 -27.40 20.17 -3.64
CA GLY A 145 -26.68 19.92 -2.38
C GLY A 145 -27.59 19.17 -1.41
N LEU A 146 -27.29 17.90 -1.18
CA LEU A 146 -28.07 17.06 -0.27
C LEU A 146 -27.71 17.32 1.20
N LEU A 147 -28.73 17.40 2.04
CA LEU A 147 -28.57 17.35 3.50
C LEU A 147 -29.42 16.21 4.06
N ILE A 148 -28.80 15.37 4.89
CA ILE A 148 -29.56 14.41 5.68
C ILE A 148 -29.66 15.01 7.08
N ASP A 149 -30.85 15.48 7.42
CA ASP A 149 -31.04 16.25 8.64
C ASP A 149 -30.95 15.36 9.89
N ASP A 150 -30.84 15.99 11.07
CA ASP A 150 -30.63 15.26 12.32
C ASP A 150 -31.78 14.28 12.61
N ASP A 151 -32.98 14.60 12.11
CA ASP A 151 -34.15 13.73 12.29
C ASP A 151 -34.34 12.74 11.13
N ASP A 152 -33.33 12.62 10.27
CA ASP A 152 -33.29 11.68 9.12
C ASP A 152 -34.19 12.10 7.95
N THR A 153 -34.73 13.32 7.98
CA THR A 153 -35.38 13.89 6.80
C THR A 153 -34.33 14.44 5.82
N TYR A 155 -33.09 16.70 2.54
CA TYR A 155 -33.38 17.91 1.81
C TYR A 155 -32.34 18.10 0.72
N ILE A 156 -32.75 18.75 -0.37
CA ILE A 156 -31.84 19.13 -1.44
C ILE A 156 -31.97 20.61 -1.74
N ALA A 157 -30.89 21.36 -1.52
CA ALA A 157 -30.82 22.74 -2.04
C ALA A 157 -30.32 22.74 -3.49
N TYR A 158 -30.88 23.59 -4.34
CA TYR A 158 -30.47 23.59 -5.75
C TYR A 158 -30.88 24.89 -6.43
N GLY A 159 -30.43 25.04 -7.67
CA GLY A 159 -30.91 26.12 -8.50
C GLY A 159 -29.83 27.03 -9.03
N ASN A 160 -30.26 27.87 -9.97
CA ASN A 160 -29.45 28.92 -10.57
C ASN A 160 -30.50 29.78 -11.34
N PRO A 161 -30.54 31.11 -11.11
CA PRO A 161 -29.63 31.96 -10.37
C PRO A 161 -30.03 32.23 -8.92
N THR A 162 -31.15 31.65 -8.50
CA THR A 162 -31.65 31.76 -7.15
C THR A 162 -31.78 30.35 -6.58
N ILE A 163 -31.89 30.23 -5.26
CA ILE A 163 -31.80 28.92 -4.61
C ILE A 163 -33.16 28.45 -4.12
N ASN A 164 -33.41 27.14 -4.29
CA ASN A 164 -34.63 26.48 -3.85
C ASN A 164 -34.29 25.35 -2.89
N VAL A 165 -35.22 24.98 -2.01
CA VAL A 165 -35.00 23.81 -1.14
C VAL A 165 -36.16 22.81 -1.23
N ALA A 166 -35.85 21.57 -1.65
CA ALA A 166 -36.87 20.53 -1.75
C ALA A 166 -36.70 19.54 -0.60
N GLN A 167 -37.83 19.01 -0.13
CA GLN A 167 -37.82 17.94 0.87
C GLN A 167 -38.17 16.63 0.17
N LEU A 168 -37.40 15.59 0.47
CA LEU A 168 -37.63 14.29 -0.11
C LEU A 168 -38.47 13.38 0.79
N SER A 169 -39.13 12.40 0.17
CA SER A 169 -39.79 11.31 0.89
C SER A 169 -38.78 10.59 1.80
N PRO A 170 -39.26 9.85 2.82
CA PRO A 170 -38.32 9.18 3.72
C PRO A 170 -37.30 8.24 3.04
N ASP A 171 -37.71 7.54 1.99
CA ASP A 171 -36.75 6.71 1.24
C ASP A 171 -35.87 7.48 0.22
N GLY A 172 -36.02 8.80 0.16
CA GLY A 172 -35.26 9.66 -0.75
C GLY A 172 -35.51 9.53 -2.26
N THR A 173 -36.64 8.93 -2.64
CA THR A 173 -36.87 8.65 -4.06
C THR A 173 -37.83 9.63 -4.74
N ARG A 174 -38.53 10.47 -3.97
CA ARG A 174 -39.47 11.43 -4.54
CA ARG A 174 -39.42 11.45 -4.56
C ARG A 174 -39.47 12.72 -3.74
N GLN A 175 -39.97 13.79 -4.35
CA GLN A 175 -40.06 15.06 -3.67
C GLN A 175 -41.40 15.18 -2.93
N VAL A 176 -41.37 15.62 -1.67
CA VAL A 176 -42.64 15.79 -0.93
C VAL A 176 -43.03 17.27 -0.69
N ARG A 177 -42.05 18.16 -0.82
CA ARG A 177 -42.28 19.59 -0.58
C ARG A 177 -41.14 20.38 -1.23
N VAL A 178 -41.44 21.59 -1.68
CA VAL A 178 -40.38 22.50 -2.18
C VAL A 178 -40.69 23.93 -1.73
N GLN A 179 -39.66 24.68 -1.39
CA GLN A 179 -39.80 26.13 -1.18
C GLN A 179 -38.92 26.77 -2.22
N GLN A 180 -39.56 27.55 -3.08
CA GLN A 180 -38.90 28.27 -4.17
C GLN A 180 -38.23 29.52 -3.63
N ARG A 181 -37.07 29.84 -4.19
CA ARG A 181 -36.45 31.13 -4.00
C ARG A 181 -36.21 31.45 -2.52
N VAL A 182 -35.58 30.51 -1.84
CA VAL A 182 -35.21 30.72 -0.44
C VAL A 182 -34.07 31.75 -0.33
N TYR A 183 -33.39 32.00 -1.45
CA TYR A 183 -32.37 33.05 -1.52
C TYR A 183 -32.26 33.58 -2.95
N ALA A 184 -32.27 34.90 -3.07
CA ALA A 184 -31.93 35.58 -4.32
C ALA A 184 -30.95 36.69 -3.96
N HIS A 185 -29.91 36.86 -4.75
CA HIS A 185 -28.97 37.93 -4.46
C HIS A 185 -29.58 39.30 -4.67
N PRO A 186 -29.47 40.20 -3.67
CA PRO A 186 -30.12 41.52 -3.70
C PRO A 186 -29.65 42.49 -4.81
N GLN A 187 -28.50 42.21 -5.40
CA GLN A 187 -28.04 42.99 -6.53
C GLN A 187 -28.19 42.21 -7.85
N GLY A 188 -28.95 41.12 -7.81
CA GLY A 188 -29.24 40.33 -9.01
C GLY A 188 -28.12 39.46 -9.54
N GLN A 189 -27.10 39.23 -8.71
CA GLN A 189 -26.00 38.37 -9.11
C GLN A 189 -26.42 36.90 -9.16
N THR A 190 -25.81 36.14 -10.07
CA THR A 190 -26.08 34.72 -10.18
C THR A 190 -25.38 33.93 -9.08
N VAL A 191 -26.12 33.08 -8.41
CA VAL A 191 -25.52 32.11 -7.48
C VAL A 191 -25.96 30.70 -7.88
N GLU A 192 -25.13 29.74 -7.53
CA GLU A 192 -25.39 28.32 -7.83
C GLU A 192 -24.44 27.48 -6.96
N GLY A 193 -24.18 26.23 -7.35
CA GLY A 193 -23.19 25.41 -6.64
C GLY A 193 -23.56 25.03 -5.21
N ALA A 194 -24.84 24.93 -4.93
CA ALA A 194 -25.32 24.62 -3.56
C ALA A 194 -24.70 23.39 -2.85
N ARG A 195 -24.33 23.60 -1.59
CA ARG A 195 -24.01 22.57 -0.61
C ARG A 195 -24.78 22.95 0.66
N TYR A 197 -26.04 22.21 4.83
CA TYR A 197 -25.52 21.70 6.10
C TYR A 197 -26.46 22.01 7.24
N LYS A 198 -26.42 21.16 8.26
CA LYS A 198 -27.08 21.40 9.52
C LYS A 198 -25.96 21.48 10.54
N ILE A 199 -25.81 22.63 11.17
CA ILE A 199 -24.65 22.87 12.04
C ILE A 199 -25.13 23.56 13.29
N ARG A 200 -24.95 22.87 14.43
CA ARG A 200 -25.34 23.38 15.76
C ARG A 200 -26.71 24.03 15.77
N GLY A 201 -27.69 23.33 15.21
CA GLY A 201 -29.06 23.79 15.30
C GLY A 201 -29.54 24.66 14.16
N ASN A 202 -28.64 25.07 13.27
CA ASN A 202 -29.00 25.97 12.17
C ASN A 202 -28.74 25.40 10.78
N TYR A 203 -29.46 25.90 9.77
CA TYR A 203 -29.26 25.44 8.39
C TYR A 203 -28.39 26.44 7.64
N TYR A 204 -27.35 25.93 6.97
CA TYR A 204 -26.47 26.74 6.15
C TYR A 204 -26.43 26.18 4.74
N ILE A 205 -26.35 27.05 3.74
CA ILE A 205 -26.16 26.65 2.36
C ILE A 205 -24.96 27.43 1.85
N LEU A 206 -24.00 26.76 1.23
CA LEU A 206 -22.87 27.45 0.60
C LEU A 206 -23.19 27.56 -0.86
N VAL A 207 -22.99 28.74 -1.43
CA VAL A 207 -23.22 28.96 -2.86
C VAL A 207 -22.05 29.72 -3.48
N THR A 208 -21.86 29.53 -4.79
CA THR A 208 -20.83 30.25 -5.53
C THR A 208 -21.44 31.36 -6.39
N ARG A 209 -20.72 32.47 -6.52
CA ARG A 209 -21.01 33.45 -7.57
C ARG A 209 -19.95 33.11 -8.61
N PRO A 210 -20.31 32.43 -9.70
CA PRO A 210 -19.25 31.92 -10.61
C PRO A 210 -18.43 33.04 -11.29
N ALA A 211 -17.11 32.92 -11.33
CA ALA A 211 -16.36 31.79 -10.79
C ALA A 211 -15.34 32.32 -9.79
N ASP A 212 -15.74 33.33 -9.02
CA ASP A 212 -14.75 34.03 -8.21
C ASP A 212 -15.14 34.28 -6.75
N ALA A 213 -16.32 33.85 -6.35
CA ALA A 213 -16.77 34.12 -4.97
C ALA A 213 -17.60 32.98 -4.37
N GLU A 214 -17.55 32.89 -3.04
CA GLU A 214 -18.41 31.96 -2.31
C GLU A 214 -19.11 32.71 -1.21
N TYR A 215 -20.41 32.48 -1.10
CA TYR A 215 -21.23 33.09 -0.05
C TYR A 215 -21.73 31.99 0.87
N VAL A 216 -21.88 32.32 2.14
CA VAL A 216 -22.52 31.38 3.08
C VAL A 216 -23.89 31.95 3.40
N LEU A 217 -24.90 31.10 3.21
CA LEU A 217 -26.28 31.46 3.53
C LEU A 217 -26.67 30.77 4.83
N ARG A 218 -27.49 31.43 5.61
CA ARG A 218 -28.02 30.81 6.82
C ARG A 218 -29.50 31.08 6.97
N SER A 219 -30.25 30.10 7.46
CA SER A 219 -31.69 30.27 7.59
C SER A 219 -32.00 31.27 8.72
N THR A 220 -32.77 32.30 8.39
CA THR A 220 -33.14 33.33 9.36
C THR A 220 -34.22 32.88 10.34
N THR A 221 -34.94 31.82 10.00
CA THR A 221 -36.08 31.35 10.80
C THR A 221 -35.75 30.10 11.59
N GLY A 222 -34.64 29.46 11.23
CA GLY A 222 -34.30 28.14 11.76
C GLY A 222 -34.92 26.97 11.00
N SER A 223 -35.77 27.27 10.01
CA SER A 223 -36.34 26.22 9.17
C SER A 223 -35.44 25.89 7.98
N PRO A 224 -35.40 24.60 7.55
CA PRO A 224 -34.58 24.29 6.35
C PRO A 224 -35.05 25.06 5.10
N PHE A 225 -36.32 25.49 5.08
CA PHE A 225 -36.83 26.26 3.94
C PHE A 225 -36.58 27.77 4.02
N GLY A 226 -35.86 28.19 5.06
CA GLY A 226 -35.46 29.59 5.18
C GLY A 226 -36.61 30.52 5.51
N PRO A 227 -36.63 31.74 4.92
CA PRO A 227 -35.62 32.25 3.96
C PRO A 227 -34.21 32.43 4.54
N TYR A 228 -33.24 32.58 3.63
CA TYR A 228 -31.83 32.62 3.98
C TYR A 228 -31.28 34.01 3.78
N GLU A 229 -30.32 34.38 4.62
CA GLU A 229 -29.53 35.59 4.42
C GLU A 229 -28.07 35.18 4.18
N ALA A 230 -27.24 36.13 3.76
CA ALA A 230 -25.91 35.80 3.24
C ALA A 230 -24.82 36.63 3.88
N ARG A 231 -23.63 36.04 3.91
CA ARG A 231 -22.38 36.73 4.21
C ARG A 231 -21.41 36.25 3.16
N THR A 232 -20.37 37.04 2.88
CA THR A 232 -19.33 36.57 1.99
C THR A 232 -18.39 35.62 2.73
N LEU A 233 -18.05 34.50 2.10
CA LEU A 233 -17.02 33.61 2.63
C LEU A 233 -15.68 33.96 1.96
N VAL A 234 -15.65 33.92 0.62
CA VAL A 234 -14.51 34.47 -0.14
C VAL A 234 -15.01 35.27 -1.35
N SER A 235 -14.28 36.29 -1.76
CA SER A 235 -14.55 37.01 -3.00
C SER A 235 -13.25 37.50 -3.61
N ARG A 236 -12.87 36.92 -4.75
CA ARG A 236 -11.66 37.28 -5.48
C ARG A 236 -10.46 37.27 -4.54
N ILE A 237 -10.41 36.26 -3.69
CA ILE A 237 -9.29 36.14 -2.77
C ILE A 237 -8.00 35.77 -3.53
N GLN A 238 -6.87 36.36 -3.15
CA GLN A 238 -5.59 36.03 -3.77
C GLN A 238 -5.02 34.75 -3.20
N GLY A 239 -4.35 33.99 -4.03
CA GLY A 239 -3.73 32.72 -3.63
C GLY A 239 -4.71 31.56 -3.63
N PRO A 240 -4.22 30.34 -3.39
CA PRO A 240 -2.83 30.04 -3.08
C PRO A 240 -1.97 29.74 -4.31
N LEU A 241 -2.53 29.81 -5.51
CA LEU A 241 -1.80 29.56 -6.75
C LEU A 241 -2.03 30.69 -7.75
N ALA A 242 -1.00 31.05 -8.50
CA ALA A 242 -1.14 32.02 -9.60
C ALA A 242 -1.72 31.41 -10.89
N ASN A 243 -2.33 32.28 -11.71
CA ASN A 243 -2.82 31.91 -13.04
C ASN A 243 -3.78 30.72 -12.98
N ALA A 244 -4.54 30.64 -11.89
CA ALA A 244 -5.51 29.54 -11.71
C ALA A 244 -6.89 30.07 -11.30
N GLY A 245 -7.25 31.26 -11.79
CA GLY A 245 -8.56 31.84 -11.43
C GLY A 245 -8.63 32.08 -9.92
N PHE A 246 -9.76 31.75 -9.31
CA PHE A 246 -9.97 31.98 -7.89
C PHE A 246 -10.52 30.76 -7.15
N ALA A 247 -10.19 30.64 -5.87
CA ALA A 247 -10.76 29.58 -5.03
C ALA A 247 -12.23 29.88 -4.87
N HIS A 248 -13.06 28.88 -5.18
CA HIS A 248 -14.52 29.06 -5.11
C HIS A 248 -15.20 27.71 -5.11
N GLN A 249 -16.50 27.74 -4.80
CA GLN A 249 -17.33 26.54 -4.80
C GLN A 249 -16.81 25.56 -3.73
N GLY A 250 -16.93 24.26 -3.96
CA GLY A 250 -16.59 23.33 -2.87
C GLY A 250 -17.54 23.36 -1.69
N GLY A 251 -17.01 23.03 -0.52
CA GLY A 251 -17.84 22.79 0.65
C GLY A 251 -17.06 22.86 1.94
N ILE A 252 -17.78 22.78 3.05
CA ILE A 252 -17.14 22.84 4.38
C ILE A 252 -17.32 21.51 5.12
N VAL A 253 -16.41 21.20 6.06
CA VAL A 253 -16.41 19.91 6.74
C VAL A 253 -15.66 20.12 8.06
N ASP A 254 -16.03 19.37 9.09
CA ASP A 254 -15.29 19.44 10.32
C ASP A 254 -14.45 18.20 10.51
N ALA A 255 -13.30 18.41 11.16
CA ALA A 255 -12.37 17.37 11.52
C ALA A 255 -12.84 16.72 12.83
N PRO A 256 -12.31 15.52 13.16
CA PRO A 256 -12.62 14.87 14.45
C PRO A 256 -12.45 15.79 15.67
N ASP A 257 -11.49 16.70 15.65
CA ASP A 257 -11.31 17.61 16.78
C ASP A 257 -12.30 18.79 16.84
N GLY A 258 -13.21 18.86 15.87
CA GLY A 258 -14.25 19.89 15.86
C GLY A 258 -13.96 21.16 15.09
N THR A 259 -12.72 21.32 14.61
CA THR A 259 -12.37 22.47 13.77
C THR A 259 -12.87 22.29 12.34
N TRP A 260 -13.39 23.38 11.77
CA TRP A 260 -13.96 23.36 10.43
C TRP A 260 -12.95 23.83 9.41
N HIS A 261 -13.16 23.40 8.16
CA HIS A 261 -12.27 23.67 7.04
C HIS A 261 -13.08 23.89 5.80
N TYR A 262 -12.58 24.78 4.94
CA TYR A 262 -13.24 25.04 3.67
C TYR A 262 -12.40 24.41 2.55
N VAL A 263 -13.02 23.48 1.82
CA VAL A 263 -12.37 22.85 0.66
C VAL A 263 -13.02 23.44 -0.59
N ALA A 264 -12.25 24.26 -1.28
CA ALA A 264 -12.70 24.90 -2.50
C ALA A 264 -11.89 24.34 -3.66
N PHE A 265 -12.19 24.75 -4.89
CA PHE A 265 -11.28 24.43 -6.00
C PHE A 265 -10.87 25.66 -6.80
N ASP A 267 -9.50 27.16 -10.79
CA ASP A 267 -9.54 26.93 -12.25
C ASP A 267 -8.11 26.82 -12.80
N ALA A 268 -7.41 25.77 -12.38
CA ALA A 268 -6.00 25.58 -12.72
C ALA A 268 -5.82 24.99 -14.14
N TYR A 269 -6.55 25.52 -15.12
CA TYR A 269 -6.32 25.10 -16.50
C TYR A 269 -4.88 25.44 -16.92
N PRO A 270 -4.25 24.61 -17.76
CA PRO A 270 -4.87 23.50 -18.49
C PRO A 270 -4.94 22.14 -17.74
N GLY A 271 -4.59 22.12 -16.47
CA GLY A 271 -4.68 20.89 -15.68
C GLY A 271 -6.09 20.48 -15.26
N GLY A 272 -6.96 21.48 -15.04
CA GLY A 272 -8.32 21.20 -14.63
C GLY A 272 -8.55 21.95 -13.34
N ARG A 273 -9.51 21.49 -12.55
CA ARG A 273 -9.93 22.22 -11.34
C ARG A 273 -9.57 21.39 -10.14
N ILE A 274 -8.79 21.98 -9.25
CA ILE A 274 -8.06 21.20 -8.23
C ILE A 274 -8.32 21.79 -6.84
N PRO A 275 -8.43 20.91 -5.81
CA PRO A 275 -8.83 21.34 -4.47
C PRO A 275 -7.74 22.08 -3.66
N VAL A 276 -8.18 23.13 -2.96
CA VAL A 276 -7.37 23.86 -1.97
C VAL A 276 -8.16 23.94 -0.67
N VAL A 277 -7.45 24.00 0.46
CA VAL A 277 -8.04 23.87 1.78
C VAL A 277 -7.57 25.01 2.67
N ALA A 278 -8.51 25.57 3.42
CA ALA A 278 -8.22 26.62 4.40
C ALA A 278 -9.01 26.33 5.67
N PRO A 279 -8.46 26.73 6.84
CA PRO A 279 -9.26 26.60 8.06
C PRO A 279 -10.36 27.68 8.14
N LEU A 280 -11.39 27.39 8.93
CA LEU A 280 -12.45 28.34 9.24
C LEU A 280 -12.44 28.66 10.71
N ARG A 281 -12.85 29.88 11.06
CA ARG A 281 -13.20 30.22 12.42
C ARG A 281 -14.69 30.62 12.39
N TRP A 282 -15.32 30.64 13.55
CA TRP A 282 -16.72 31.02 13.63
C TRP A 282 -16.84 32.28 14.45
N THR A 283 -17.56 33.26 13.92
CA THR A 283 -17.86 34.49 14.66
C THR A 283 -18.80 34.17 15.83
N ALA A 284 -18.92 35.09 16.80
CA ALA A 284 -19.78 34.85 17.94
C ALA A 284 -21.27 34.77 17.56
N ASP A 285 -21.67 35.38 16.45
CA ASP A 285 -23.06 35.25 16.00
C ASP A 285 -23.29 34.11 15.00
N GLY A 286 -22.29 33.25 14.84
CA GLY A 286 -22.47 32.00 14.15
C GLY A 286 -22.23 32.01 12.65
N TRP A 287 -21.28 32.79 12.19
CA TRP A 287 -20.90 32.75 10.78
C TRP A 287 -19.51 32.25 10.59
N PRO A 288 -19.29 31.40 9.56
CA PRO A 288 -17.93 30.92 9.33
C PRO A 288 -17.13 31.94 8.51
N GLU A 289 -15.86 32.07 8.81
CA GLU A 289 -14.99 32.94 8.05
C GLU A 289 -13.69 32.21 7.78
N VAL A 290 -13.12 32.44 6.59
CA VAL A 290 -11.83 31.87 6.20
C VAL A 290 -10.66 32.46 7.02
N VAL A 291 -9.83 31.60 7.58
CA VAL A 291 -8.59 32.05 8.18
C VAL A 291 -7.57 32.26 7.07
N THR A 292 -7.16 33.52 6.86
CA THR A 292 -6.22 33.85 5.78
C THR A 292 -4.78 33.83 6.28
N ASP A 293 -3.81 34.08 5.40
CA ASP A 293 -2.45 34.29 5.88
C ASP A 293 -2.31 35.74 6.38
N SER A 294 -1.12 36.15 6.79
CA SER A 294 -0.98 37.50 7.36
C SER A 294 -1.24 38.61 6.35
N GLN A 295 -1.20 38.26 5.07
CA GLN A 295 -1.46 39.22 3.98
C GLN A 295 -2.89 39.18 3.39
N GLY A 296 -3.82 38.52 4.08
CA GLY A 296 -5.19 38.37 3.59
C GLY A 296 -5.41 37.42 2.42
N ARG A 297 -4.41 36.57 2.15
CA ARG A 297 -4.46 35.60 1.03
C ARG A 297 -4.93 34.25 1.53
N TRP A 298 -5.46 33.42 0.62
CA TRP A 298 -5.65 32.02 0.90
C TRP A 298 -4.28 31.44 1.00
N GLY A 299 -3.93 30.97 2.19
CA GLY A 299 -2.57 30.54 2.45
C GLY A 299 -2.06 29.41 1.58
N THR A 300 -0.79 29.49 1.21
CA THR A 300 -0.15 28.41 0.47
C THR A 300 0.09 27.24 1.42
N SER A 301 0.19 27.53 2.72
CA SER A 301 0.32 26.44 3.68
C SER A 301 -0.42 26.75 4.96
N TYR A 302 -0.87 25.69 5.64
CA TYR A 302 -1.60 25.77 6.92
C TYR A 302 -1.23 24.61 7.82
N PRO A 303 -1.59 24.66 9.12
CA PRO A 303 -1.43 23.47 9.95
C PRO A 303 -2.26 22.29 9.42
N ILE A 304 -1.76 21.08 9.61
CA ILE A 304 -2.43 19.90 9.07
C ILE A 304 -3.71 19.64 9.87
N PRO A 305 -4.84 19.38 9.19
CA PRO A 305 -6.07 19.20 9.96
C PRO A 305 -6.10 17.98 10.89
N VAL A 306 -5.42 16.90 10.51
CA VAL A 306 -5.30 15.67 11.29
C VAL A 306 -3.87 15.18 11.13
N ARG A 307 -3.23 14.82 12.24
CA ARG A 307 -1.78 14.58 12.24
C ARG A 307 -1.37 13.12 12.35
N GLY A 308 -0.46 12.70 11.46
CA GLY A 308 0.16 11.38 11.52
C GLY A 308 -0.71 10.24 11.04
N ALA A 309 -1.76 10.56 10.29
CA ALA A 309 -2.71 9.55 9.87
C ALA A 309 -2.15 8.81 8.66
N LYS A 310 -1.92 7.51 8.82
CA LYS A 310 -1.43 6.70 7.70
C LYS A 310 -2.31 6.94 6.47
N ASN A 311 -1.65 7.08 5.32
CA ASN A 311 -2.25 7.68 4.13
C ASN A 311 -3.58 7.07 3.67
N ALA A 312 -3.66 5.74 3.64
CA ALA A 312 -4.84 4.99 3.17
C ALA A 312 -4.59 4.32 1.82
N THR A 313 -3.50 3.55 1.75
CA THR A 313 -3.15 2.82 0.52
C THR A 313 -4.17 1.71 0.17
N GLU A 314 -5.35 2.14 -0.25
CA GLU A 314 -6.39 1.25 -0.70
C GLU A 314 -6.30 1.14 -2.22
N GLY A 315 -5.43 0.26 -2.70
CA GLY A 315 -5.19 0.14 -4.14
C GLY A 315 -3.99 0.97 -4.60
N LEU A 316 -3.84 1.10 -5.92
CA LEU A 316 -2.69 1.80 -6.51
C LEU A 316 -2.74 3.32 -6.30
N ALA A 317 -1.59 3.91 -5.99
CA ALA A 317 -1.46 5.38 -5.95
C ALA A 317 -1.44 5.90 -7.39
N SER A 318 -1.71 7.19 -7.59
CA SER A 318 -1.71 7.77 -8.96
C SER A 318 -0.43 7.48 -9.74
N THR A 319 0.71 7.48 -9.04
CA THR A 319 2.00 7.32 -9.71
C THR A 319 2.54 5.89 -9.69
N ASP A 320 1.77 4.94 -9.13
CA ASP A 320 2.17 3.51 -9.08
C ASP A 320 2.05 2.88 -10.45
N LEU A 321 3.01 2.02 -10.82
CA LEU A 321 2.91 1.23 -12.05
C LEU A 321 1.61 0.44 -12.02
N ASP A 322 0.85 0.50 -13.11
CA ASP A 322 -0.38 -0.27 -13.21
C ASP A 322 -0.25 -1.26 -14.38
N GLU A 323 -0.09 -2.54 -14.10
CA GLU A 323 -0.05 -3.55 -15.19
C GLU A 323 -1.40 -4.25 -15.39
N PHE A 324 -2.49 -3.61 -14.96
CA PHE A 324 -3.86 -4.16 -15.13
C PHE A 324 -4.01 -5.58 -14.52
N ARG A 325 -3.45 -5.72 -13.32
CA ARG A 325 -3.51 -6.99 -12.62
C ARG A 325 -4.86 -7.12 -11.91
N GLY A 326 -5.24 -8.34 -11.54
CA GLY A 326 -6.55 -8.57 -10.91
C GLY A 326 -7.83 -8.27 -11.70
N THR A 327 -8.93 -8.23 -10.96
CA THR A 327 -10.26 -8.39 -11.55
C THR A 327 -10.88 -7.14 -12.23
N ARG A 328 -10.56 -5.95 -11.74
CA ARG A 328 -11.21 -4.74 -12.26
C ARG A 328 -10.22 -3.58 -12.37
N PHE A 329 -10.59 -2.53 -13.09
CA PHE A 329 -9.74 -1.35 -13.20
C PHE A 329 -9.50 -0.71 -11.86
N SER A 330 -8.31 -0.13 -11.70
CA SER A 330 -8.08 0.70 -10.53
C SER A 330 -9.03 1.89 -10.66
N GLU A 331 -9.22 2.60 -9.57
CA GLU A 331 -10.15 3.73 -9.57
C GLU A 331 -9.65 4.95 -10.33
N HIS A 332 -8.42 4.90 -10.84
CA HIS A 332 -7.87 6.02 -11.60
C HIS A 332 -8.39 6.10 -13.02
N TRP A 333 -8.90 4.99 -13.54
CA TRP A 333 -9.25 4.93 -14.96
C TRP A 333 -10.70 5.24 -15.21
N GLU A 334 -10.98 6.02 -16.27
CA GLU A 334 -12.36 6.24 -16.79
C GLU A 334 -12.32 6.26 -18.30
N TRP A 335 -13.32 5.64 -18.92
CA TRP A 335 -13.44 5.66 -20.37
C TRP A 335 -14.03 6.97 -20.83
N ASN A 336 -13.73 7.35 -22.07
CA ASN A 336 -14.43 8.43 -22.74
C ASN A 336 -15.74 7.89 -23.27
N HIS A 337 -16.85 8.33 -22.64
CA HIS A 337 -18.19 7.73 -22.84
C HIS A 337 -18.22 6.27 -22.35
N ASN A 338 -19.41 5.66 -22.28
CA ASN A 338 -19.49 4.27 -21.83
C ASN A 338 -18.71 3.36 -22.80
N PRO A 339 -17.95 2.38 -22.26
CA PRO A 339 -17.19 1.47 -23.11
C PRO A 339 -18.09 0.44 -23.79
N ASP A 340 -17.64 -0.11 -24.92
CA ASP A 340 -18.26 -1.31 -25.48
C ASP A 340 -17.60 -2.48 -24.76
N THR A 341 -18.33 -3.07 -23.84
CA THR A 341 -17.78 -4.10 -22.95
C THR A 341 -17.44 -5.39 -23.70
N SER A 342 -18.03 -5.59 -24.88
CA SER A 342 -17.71 -6.74 -25.72
C SER A 342 -16.33 -6.58 -26.41
N LYS A 343 -15.71 -5.40 -26.32
CA LYS A 343 -14.49 -5.12 -27.13
C LYS A 343 -13.22 -4.90 -26.31
N PHE A 344 -13.32 -4.99 -24.99
CA PHE A 344 -12.09 -4.96 -24.18
C PHE A 344 -12.10 -6.13 -23.21
N THR A 345 -10.92 -6.53 -22.79
CA THR A 345 -10.77 -7.60 -21.83
C THR A 345 -9.70 -7.21 -20.84
N LEU A 346 -10.07 -7.20 -19.57
CA LEU A 346 -9.07 -7.11 -18.51
C LEU A 346 -8.64 -8.54 -18.20
N LEU A 347 -7.45 -8.91 -18.64
CA LEU A 347 -7.02 -10.29 -18.56
C LEU A 347 -6.84 -10.77 -17.14
N GLY A 348 -6.33 -9.89 -16.29
CA GLY A 348 -6.31 -10.16 -14.87
C GLY A 348 -5.12 -10.99 -14.46
N GLY A 349 -5.16 -11.35 -13.17
CA GLY A 349 -4.17 -12.20 -12.56
C GLY A 349 -2.86 -11.47 -12.40
N ASN A 350 -1.83 -12.24 -12.09
CA ASN A 350 -0.50 -11.69 -11.81
C ASN A 350 0.17 -11.05 -13.02
N GLU A 351 0.01 -11.65 -14.21
CA GLU A 351 0.54 -11.10 -15.44
C GLU A 351 -0.17 -9.81 -15.89
N GLY A 352 -1.47 -9.74 -15.65
CA GLY A 352 -2.29 -8.59 -16.08
C GLY A 352 -2.39 -8.40 -17.57
N GLY A 353 -2.58 -7.15 -17.97
CA GLY A 353 -2.67 -6.77 -19.38
C GLY A 353 -4.12 -6.46 -19.74
N LEU A 354 -4.32 -5.42 -20.54
CA LEU A 354 -5.63 -5.05 -21.03
C LEU A 354 -5.68 -5.24 -22.54
N ILE A 355 -6.65 -6.00 -23.06
CA ILE A 355 -6.79 -6.06 -24.50
C ILE A 355 -7.83 -5.05 -24.94
N LEU A 356 -7.46 -4.21 -25.92
CA LEU A 356 -8.40 -3.30 -26.56
C LEU A 356 -8.59 -3.77 -28.00
N ARG A 357 -9.73 -4.39 -28.27
CA ARG A 357 -10.08 -4.72 -29.65
C ARG A 357 -10.73 -3.52 -30.27
N THR A 358 -10.53 -3.28 -31.56
CA THR A 358 -11.14 -2.08 -32.15
C THR A 358 -12.67 -2.18 -32.04
N ALA A 359 -13.31 -1.07 -31.68
CA ALA A 359 -14.75 -1.02 -31.39
C ALA A 359 -15.52 -0.12 -32.36
N THR A 360 -14.80 0.75 -33.05
CA THR A 360 -15.44 1.72 -33.97
C THR A 360 -14.61 1.81 -35.24
N VAL A 361 -15.32 1.85 -36.36
CA VAL A 361 -14.73 2.20 -37.66
C VAL A 361 -15.00 3.69 -37.91
N THR A 362 -13.93 4.47 -38.02
CA THR A 362 -14.04 5.94 -38.11
C THR A 362 -12.66 6.50 -38.46
N GLY A 363 -12.63 7.70 -39.02
CA GLY A 363 -11.37 8.44 -39.20
C GLY A 363 -11.16 9.48 -38.09
N ASP A 364 -12.11 9.55 -37.16
CA ASP A 364 -12.20 10.61 -36.13
C ASP A 364 -11.99 10.03 -34.72
N LEU A 365 -10.84 10.34 -34.10
CA LEU A 365 -10.58 9.90 -32.72
C LEU A 365 -11.74 10.21 -31.76
N PHE A 366 -12.35 11.39 -31.89
CA PHE A 366 -13.47 11.76 -31.00
C PHE A 366 -14.72 10.89 -31.15
N ALA A 367 -14.81 10.17 -32.26
CA ALA A 367 -15.93 9.23 -32.46
C ALA A 367 -15.65 7.80 -31.98
N ALA A 368 -14.39 7.51 -31.63
CA ALA A 368 -13.96 6.15 -31.31
C ALA A 368 -14.39 5.71 -29.90
N ARG A 369 -15.02 4.54 -29.81
CA ARG A 369 -15.35 3.96 -28.52
C ARG A 369 -14.09 3.39 -27.90
N ASN A 370 -14.12 3.26 -26.57
CA ASN A 370 -13.07 2.56 -25.79
C ASN A 370 -11.72 3.26 -25.75
N THR A 371 -11.73 4.58 -25.67
CA THR A 371 -10.53 5.32 -25.31
C THR A 371 -10.51 5.40 -23.77
N LEU A 372 -9.45 4.89 -23.17
CA LEU A 372 -9.37 4.79 -21.72
C LEU A 372 -8.48 5.93 -21.21
N THR A 373 -8.93 6.68 -20.21
CA THR A 373 -8.25 7.91 -19.84
C THR A 373 -8.00 7.97 -18.33
N ARG A 374 -7.10 8.85 -17.93
CA ARG A 374 -6.89 9.12 -16.51
C ARG A 374 -6.33 10.53 -16.32
N ARG A 375 -6.48 11.05 -15.11
CA ARG A 375 -6.08 12.41 -14.80
C ARG A 375 -4.58 12.59 -14.80
N ILE A 376 -4.15 13.79 -15.20
CA ILE A 376 -2.74 14.21 -15.12
C ILE A 376 -2.51 14.90 -13.79
N ALA A 377 -1.47 14.47 -13.08
CA ALA A 377 -1.07 15.13 -11.82
C ALA A 377 -0.10 16.24 -12.11
N GLY A 378 -0.28 17.39 -11.45
CA GLY A 378 0.52 18.56 -11.76
C GLY A 378 1.60 18.87 -10.74
N PRO A 379 2.45 19.87 -11.04
CA PRO A 379 2.31 20.71 -12.24
C PRO A 379 2.88 20.05 -13.54
N LYS A 380 3.72 19.03 -13.42
CA LYS A 380 4.29 18.40 -14.62
C LYS A 380 4.37 16.90 -14.41
N ALA A 381 3.98 16.13 -15.43
CA ALA A 381 4.00 14.69 -15.30
C ALA A 381 4.24 14.01 -16.64
N SER A 382 4.82 12.83 -16.58
CA SER A 382 5.07 12.02 -17.77
C SER A 382 4.20 10.78 -17.68
N GLY A 383 3.40 10.50 -18.72
CA GLY A 383 2.53 9.31 -18.76
C GLY A 383 3.14 8.35 -19.77
N ILE A 384 3.42 7.12 -19.35
CA ILE A 384 4.02 6.11 -20.24
C ILE A 384 3.14 4.90 -20.38
N PHE A 385 2.79 4.55 -21.62
CA PHE A 385 2.05 3.32 -21.92
C PHE A 385 3.00 2.33 -22.61
N ARG A 386 2.95 1.07 -22.19
CA ARG A 386 3.72 0.01 -22.80
C ARG A 386 2.76 -0.92 -23.50
N LEU A 387 2.96 -1.09 -24.81
CA LEU A 387 2.00 -1.81 -25.65
C LEU A 387 2.63 -2.97 -26.43
N ASP A 388 1.80 -3.97 -26.74
CA ASP A 388 2.09 -4.99 -27.75
C ASP A 388 1.11 -4.72 -28.90
N VAL A 389 1.61 -4.25 -30.05
CA VAL A 389 0.69 -3.85 -31.16
C VAL A 389 0.71 -4.82 -32.36
N ARG A 390 1.30 -6.00 -32.15
CA ARG A 390 1.36 -7.02 -33.22
C ARG A 390 -0.02 -7.43 -33.77
N GLY A 391 -1.08 -7.28 -32.97
CA GLY A 391 -2.43 -7.69 -33.38
C GLY A 391 -3.22 -6.66 -34.19
N ARG A 393 -4.66 -4.57 -37.27
CA ARG A 393 -4.90 -4.92 -38.67
C ARG A 393 -4.90 -3.69 -39.56
N ASP A 394 -4.99 -3.93 -40.87
CA ASP A 394 -4.92 -2.87 -41.87
C ASP A 394 -5.91 -1.74 -41.56
N GLY A 395 -5.40 -0.51 -41.44
CA GLY A 395 -6.26 0.65 -41.19
C GLY A 395 -6.40 1.02 -39.72
N ASP A 396 -5.80 0.23 -38.83
CA ASP A 396 -5.92 0.51 -37.40
C ASP A 396 -4.99 1.67 -36.97
N ARG A 397 -5.45 2.41 -35.96
CA ARG A 397 -4.70 3.49 -35.36
C ARG A 397 -4.84 3.35 -33.86
N ALA A 398 -3.71 3.38 -33.15
CA ALA A 398 -3.73 3.12 -31.72
C ALA A 398 -2.64 3.94 -31.11
N GLY A 399 -2.75 4.33 -29.85
CA GLY A 399 -1.60 5.00 -29.23
C GLY A 399 -1.93 5.69 -27.93
N ALA A 400 -1.06 6.62 -27.55
CA ALA A 400 -1.10 7.37 -26.30
C ALA A 400 -1.49 8.80 -26.66
N VAL A 401 -2.65 9.24 -26.15
CA VAL A 401 -3.22 10.54 -26.49
C VAL A 401 -3.25 11.46 -25.28
N LEU A 402 -2.90 12.72 -25.52
CA LEU A 402 -3.13 13.81 -24.57
C LEU A 402 -4.53 14.31 -24.94
N PHE A 403 -5.51 13.93 -24.14
CA PHE A 403 -6.92 13.93 -24.58
C PHE A 403 -7.68 15.10 -23.99
N ARG A 404 -8.24 15.93 -24.86
CA ARG A 404 -9.21 16.97 -24.53
C ARG A 404 -9.81 17.48 -25.85
N ASP A 405 -10.46 18.64 -25.83
CA ASP A 405 -11.03 19.22 -27.07
C ASP A 405 -9.99 19.70 -28.08
N ARG A 406 -8.77 19.95 -27.63
CA ARG A 406 -7.63 20.16 -28.56
C ARG A 406 -6.62 19.11 -28.17
N ALA A 407 -6.43 18.11 -29.02
CA ALA A 407 -5.71 16.90 -28.61
C ALA A 407 -4.54 16.58 -29.55
N ALA A 408 -3.66 15.68 -29.11
CA ALA A 408 -2.54 15.23 -29.91
C ALA A 408 -2.15 13.86 -29.41
N TYR A 409 -1.55 13.03 -30.25
CA TYR A 409 -1.08 11.72 -29.80
C TYR A 409 0.21 11.28 -30.44
N ILE A 410 0.87 10.33 -29.80
CA ILE A 410 1.88 9.51 -30.43
C ILE A 410 1.30 8.09 -30.49
N GLY A 411 1.43 7.46 -31.67
CA GLY A 411 0.77 6.21 -31.87
C GLY A 411 1.38 5.43 -33.01
N VAL A 412 0.69 4.33 -33.35
CA VAL A 412 1.09 3.46 -34.42
C VAL A 412 -0.06 3.41 -35.42
N TRP A 413 0.28 3.54 -36.70
CA TRP A 413 -0.70 3.36 -37.76
C TRP A 413 -0.31 2.13 -38.54
N LYS A 414 -1.24 1.20 -38.69
CA LYS A 414 -1.00 -0.05 -39.42
C LYS A 414 -1.64 0.13 -40.78
N GLN A 415 -0.82 0.11 -41.83
CA GLN A 415 -1.33 0.23 -43.19
C GLN A 415 -0.73 -0.90 -44.03
N GLY A 416 -1.59 -1.77 -44.56
CA GLY A 416 -1.12 -3.02 -45.16
C GLY A 416 -0.30 -3.78 -44.14
N ASN A 417 0.94 -4.15 -44.50
CA ASN A 417 1.82 -4.81 -43.52
C ASN A 417 2.85 -3.88 -42.89
N GLU A 418 2.65 -2.58 -43.01
CA GLU A 418 3.57 -1.62 -42.42
C GLU A 418 2.97 -1.06 -41.13
N ALA A 419 3.75 -1.14 -40.06
CA ALA A 419 3.42 -0.43 -38.83
C ALA A 419 4.46 0.68 -38.65
N ARG A 420 3.94 1.87 -38.46
CA ARG A 420 4.75 3.09 -38.38
C ARG A 420 4.33 3.90 -37.17
N ILE A 421 5.32 4.43 -36.46
CA ILE A 421 5.05 5.41 -35.39
C ILE A 421 4.77 6.77 -36.02
N VAL A 422 3.72 7.43 -35.54
CA VAL A 422 3.34 8.79 -35.98
C VAL A 422 3.08 9.69 -34.77
N VAL A 424 0.46 12.85 -34.16
CA VAL A 424 -0.68 13.52 -34.77
C VAL A 424 -1.10 14.69 -33.90
N ASP A 425 -1.29 15.86 -34.49
CA ASP A 425 -1.84 16.97 -33.73
C ASP A 425 -3.03 17.55 -34.45
N ASP A 426 -3.49 18.73 -34.02
CA ASP A 426 -4.68 19.38 -34.61
C ASP A 426 -5.91 18.47 -34.61
N LEU A 427 -6.11 17.73 -33.52
CA LEU A 427 -7.36 17.01 -33.29
C LEU A 427 -8.23 17.96 -32.52
N ARG A 428 -9.35 18.40 -33.11
CA ARG A 428 -10.13 19.49 -32.47
C ARG A 428 -11.62 19.23 -32.49
N LEU A 429 -12.25 19.47 -31.33
CA LEU A 429 -13.70 19.62 -31.19
C LEU A 429 -14.03 21.10 -31.22
N ASN A 430 -15.08 21.45 -31.95
CA ASN A 430 -15.59 22.81 -32.00
C ASN A 430 -16.27 23.07 -30.66
N GLU A 431 -15.89 24.14 -29.97
CA GLU A 431 -16.54 24.49 -28.67
C GLU A 431 -18.03 24.78 -28.87
N ASP A 432 -18.43 25.14 -30.09
CA ASP A 432 -19.84 25.40 -30.42
C ASP A 432 -20.56 24.11 -30.79
N GLY A 433 -21.01 23.37 -29.77
CA GLY A 433 -21.78 22.15 -30.00
C GLY A 433 -20.98 20.86 -29.93
N TRP A 434 -19.66 20.98 -29.79
CA TRP A 434 -18.78 19.80 -29.60
C TRP A 434 -18.83 18.80 -30.73
N ARG A 435 -19.06 19.29 -31.94
CA ARG A 435 -18.82 18.46 -33.14
C ARG A 435 -17.35 18.55 -33.55
N THR A 436 -16.87 17.54 -34.24
CA THR A 436 -15.48 17.51 -34.65
C THR A 436 -15.17 18.63 -35.63
N ALA A 437 -14.11 19.37 -35.36
CA ALA A 437 -13.65 20.44 -36.25
C ALA A 437 -12.51 19.95 -37.15
N SER A 438 -11.67 19.06 -36.61
CA SER A 438 -10.53 18.56 -37.35
C SER A 438 -10.16 17.15 -36.89
N THR A 439 -9.95 16.25 -37.85
CA THR A 439 -9.64 14.88 -37.48
C THR A 439 -8.13 14.63 -37.37
N GLY A 440 -7.33 15.70 -37.44
CA GLY A 440 -5.91 15.58 -37.17
C GLY A 440 -4.98 15.64 -38.36
N ARG A 441 -3.72 15.97 -38.06
CA ARG A 441 -2.63 16.21 -39.01
C ARG A 441 -1.47 15.34 -38.53
N VAL A 442 -0.86 14.57 -39.43
CA VAL A 442 0.35 13.84 -39.05
C VAL A 442 1.47 14.89 -39.03
N ALA A 443 1.89 15.30 -37.84
CA ALA A 443 2.88 16.36 -37.70
C ALA A 443 4.31 15.83 -37.92
N ALA A 444 4.49 14.53 -37.68
CA ALA A 444 5.78 13.86 -37.90
C ALA A 444 5.62 12.36 -38.01
N ASN A 445 6.40 11.79 -38.93
CA ASN A 445 6.54 10.35 -39.05
C ASN A 445 7.74 9.83 -38.29
N GLY A 446 7.53 8.83 -37.44
CA GLY A 446 8.62 8.12 -36.81
C GLY A 446 8.96 6.90 -37.67
N PRO A 447 9.73 5.96 -37.13
CA PRO A 447 10.19 4.81 -37.92
C PRO A 447 9.11 3.77 -38.19
N VAL A 448 9.31 2.97 -39.23
CA VAL A 448 8.65 1.69 -39.40
C VAL A 448 9.17 0.80 -38.27
N ILE A 449 8.28 0.07 -37.63
CA ILE A 449 8.69 -0.83 -36.56
C ILE A 449 8.47 -2.30 -36.98
N ASP A 450 9.49 -3.13 -36.82
CA ASP A 450 9.37 -4.56 -37.16
C ASP A 450 8.54 -5.27 -36.09
N THR A 451 8.23 -6.54 -36.32
CA THR A 451 7.38 -7.30 -35.40
C THR A 451 7.94 -7.34 -33.99
N ASN A 452 9.27 -7.46 -33.86
CA ASN A 452 9.86 -7.49 -32.52
C ASN A 452 9.65 -6.19 -31.76
N ALA A 453 9.83 -5.05 -32.42
CA ALA A 453 9.53 -3.77 -31.78
C ALA A 453 8.03 -3.61 -31.47
N GLN A 454 7.17 -4.11 -32.36
CA GLN A 454 5.73 -4.04 -32.14
C GLN A 454 5.33 -4.78 -30.87
N GLN A 455 6.05 -5.84 -30.54
CA GLN A 455 5.78 -6.64 -29.34
C GLN A 455 5.92 -5.85 -28.03
N ASP A 456 6.71 -4.79 -28.05
CA ASP A 456 7.03 -4.05 -26.81
C ASP A 456 7.39 -2.60 -27.12
N ILE A 457 6.36 -1.81 -27.41
CA ILE A 457 6.56 -0.41 -27.74
C ILE A 457 6.09 0.48 -26.58
N TRP A 458 6.95 1.40 -26.16
CA TRP A 458 6.63 2.32 -25.08
C TRP A 458 6.40 3.70 -25.63
N LEU A 459 5.26 4.31 -25.27
CA LEU A 459 4.88 5.63 -25.75
C LEU A 459 4.73 6.56 -24.57
N ARG A 460 5.40 7.70 -24.63
CA ARG A 460 5.57 8.56 -23.48
C ARG A 460 5.06 9.95 -23.81
N ILE A 461 4.26 10.51 -22.90
CA ILE A 461 3.71 11.87 -23.05
C ILE A 461 4.22 12.72 -21.86
N ASP A 462 5.03 13.75 -22.14
CA ASP A 462 5.49 14.69 -21.10
C ASP A 462 4.62 15.94 -21.10
N ALA A 463 3.72 16.05 -20.16
CA ALA A 463 2.73 17.13 -20.13
C ALA A 463 3.09 18.17 -19.08
N ASP A 464 3.06 19.44 -19.48
CA ASP A 464 3.17 20.55 -18.53
C ASP A 464 1.74 21.07 -18.30
N ILE A 465 1.25 20.93 -17.07
CA ILE A 465 -0.07 21.51 -16.73
C ILE A 465 0.08 22.65 -15.71
N THR A 466 1.25 23.26 -15.69
CA THR A 466 1.47 24.49 -14.88
C THR A 466 0.35 25.49 -15.21
N PRO A 467 -0.39 25.97 -14.19
CA PRO A 467 -1.56 26.81 -14.46
C PRO A 467 -1.25 27.96 -15.41
N ALA A 468 -2.13 28.18 -16.39
CA ALA A 468 -1.97 29.31 -17.29
C ALA A 468 -3.33 29.90 -17.63
N PHE A 469 -4.30 29.69 -16.75
CA PHE A 469 -5.65 30.15 -16.99
C PHE A 469 -5.71 31.68 -17.02
N GLY A 470 -6.43 32.23 -18.01
CA GLY A 470 -6.53 33.68 -18.12
C GLY A 470 -5.25 34.37 -18.57
N THR A 471 -4.31 33.61 -19.15
CA THR A 471 -3.09 34.17 -19.74
C THR A 471 -3.09 33.84 -21.22
N ASN A 472 -2.14 34.41 -21.95
CA ASN A 472 -1.92 34.10 -23.36
CA ASN A 472 -2.01 33.99 -23.36
C ASN A 472 -0.82 33.09 -23.61
N THR A 473 -0.25 32.54 -22.53
CA THR A 473 0.81 31.54 -22.64
C THR A 473 0.24 30.11 -22.63
N GLU A 474 0.42 29.39 -23.73
CA GLU A 474 -0.06 28.01 -23.81
C GLU A 474 1.09 27.07 -23.46
N ARG A 475 0.85 26.17 -22.51
CA ARG A 475 1.85 25.20 -22.09
C ARG A 475 2.02 24.19 -23.19
N THR A 476 3.14 23.50 -23.19
CA THR A 476 3.38 22.51 -24.25
C THR A 476 3.60 21.11 -23.70
N THR A 477 3.32 20.12 -24.54
CA THR A 477 3.54 18.74 -24.22
C THR A 477 4.44 18.19 -25.33
N THR A 478 5.31 17.27 -24.99
CA THR A 478 6.17 16.62 -25.98
C THR A 478 5.98 15.11 -25.91
N PHE A 479 6.26 14.43 -27.02
CA PHE A 479 5.97 12.99 -27.15
C PHE A 479 7.22 12.22 -27.49
N TYR A 480 7.30 10.97 -27.00
CA TYR A 480 8.49 10.17 -27.18
C TYR A 480 8.14 8.72 -27.34
N TYR A 481 8.99 7.97 -28.04
CA TYR A 481 8.81 6.51 -28.07
C TYR A 481 10.10 5.76 -27.68
N SER A 482 9.94 4.54 -27.18
CA SER A 482 11.06 3.64 -26.93
C SER A 482 10.78 2.28 -27.52
N ILE A 483 11.79 1.75 -28.22
CA ILE A 483 11.75 0.40 -28.77
C ILE A 483 12.93 -0.44 -28.26
N ASP A 484 13.52 0.00 -27.14
CA ASP A 484 14.56 -0.79 -26.46
C ASP A 484 14.14 -1.15 -25.03
N GLY A 485 12.84 -1.37 -24.84
CA GLY A 485 12.32 -1.79 -23.54
C GLY A 485 12.26 -0.69 -22.50
N GLY A 486 12.08 0.55 -22.95
CA GLY A 486 11.89 1.67 -22.04
C GLY A 486 13.16 2.26 -21.47
N ARG A 487 14.30 1.82 -22.00
CA ARG A 487 15.60 2.34 -21.54
C ARG A 487 15.93 3.72 -22.08
N THR A 488 15.85 3.89 -23.40
CA THR A 488 16.03 5.22 -24.00
CA THR A 488 16.05 5.20 -24.02
C THR A 488 14.80 5.61 -24.80
N TYR A 489 14.52 6.90 -24.82
CA TYR A 489 13.38 7.45 -25.56
C TYR A 489 13.85 8.39 -26.64
N THR A 490 13.12 8.40 -27.76
CA THR A 490 13.36 9.32 -28.86
C THR A 490 12.19 10.28 -29.00
N ARG A 491 12.51 11.57 -29.01
CA ARG A 491 11.52 12.61 -29.15
C ARG A 491 10.96 12.54 -30.56
N LEU A 492 9.63 12.65 -30.70
CA LEU A 492 9.00 12.68 -32.03
C LEU A 492 8.05 13.87 -32.17
N GLY A 493 8.28 14.71 -33.19
CA GLY A 493 7.35 15.78 -33.50
C GLY A 493 7.59 17.10 -32.77
N PRO A 494 6.82 18.13 -33.15
CA PRO A 494 6.95 19.41 -32.49
C PRO A 494 6.36 19.37 -31.06
N ALA A 495 6.61 20.43 -30.29
CA ALA A 495 5.98 20.60 -28.99
C ALA A 495 4.51 20.94 -29.28
N PHE A 496 3.59 20.37 -28.51
CA PHE A 496 2.17 20.59 -28.76
C PHE A 496 1.62 21.64 -27.83
N ALA A 497 1.07 22.73 -28.35
CA ALA A 497 0.48 23.78 -27.53
C ALA A 497 -0.92 23.40 -27.04
N THR A 499 -4.63 24.01 -25.06
CA THR A 499 -5.58 25.10 -24.82
C THR A 499 -5.74 25.46 -23.34
N ASN A 500 -5.91 26.76 -23.05
CA ASN A 500 -6.29 27.25 -21.72
C ASN A 500 -7.80 27.49 -21.53
N SER A 501 -8.60 27.07 -22.50
CA SER A 501 -10.03 27.27 -22.44
C SER A 501 -10.70 26.46 -21.33
N TRP A 502 -11.68 27.05 -20.67
CA TRP A 502 -12.44 26.34 -19.63
C TRP A 502 -13.63 25.58 -20.18
N ARG A 503 -13.97 25.80 -21.46
CA ARG A 503 -15.31 25.42 -21.93
C ARG A 503 -15.64 23.92 -21.95
N TYR A 504 -14.62 23.09 -22.15
CA TYR A 504 -14.79 21.63 -22.11
C TYR A 504 -14.85 21.12 -20.65
N PHE A 505 -14.51 22.02 -19.71
CA PHE A 505 -14.57 21.80 -18.26
C PHE A 505 -13.52 20.85 -17.73
N THR A 506 -13.51 19.62 -18.22
CA THR A 506 -12.55 18.62 -17.78
C THR A 506 -11.15 19.04 -18.17
N GLY A 507 -10.14 18.75 -17.34
CA GLY A 507 -8.77 19.05 -17.76
C GLY A 507 -8.19 18.11 -18.80
N TYR A 508 -6.94 18.35 -19.20
CA TYR A 508 -6.21 17.42 -20.06
C TYR A 508 -6.01 16.09 -19.34
N ARG A 509 -6.08 15.00 -20.09
CA ARG A 509 -5.89 13.64 -19.52
C ARG A 509 -4.92 12.86 -20.35
N PHE A 510 -4.37 11.80 -19.75
CA PHE A 510 -3.59 10.80 -20.51
C PHE A 510 -4.55 9.72 -20.93
N GLY A 511 -4.46 9.23 -22.17
CA GLY A 511 -5.34 8.15 -22.58
C GLY A 511 -4.66 7.18 -23.54
N VAL A 512 -5.30 6.04 -23.75
CA VAL A 512 -4.88 5.07 -24.76
C VAL A 512 -6.11 4.75 -25.60
N PHE A 513 -5.94 4.66 -26.92
CA PHE A 513 -7.05 4.49 -27.82
C PHE A 513 -6.67 3.41 -28.83
N ASN A 514 -7.67 2.87 -29.51
CA ASN A 514 -7.45 1.90 -30.58
C ASN A 514 -8.74 1.87 -31.38
N PHE A 515 -8.66 2.28 -32.65
CA PHE A 515 -9.82 2.24 -33.54
C PHE A 515 -9.42 1.85 -34.97
N SER A 516 -10.39 1.61 -35.86
CA SER A 516 -10.12 1.21 -37.26
CA SER A 516 -10.01 1.30 -37.26
C SER A 516 -10.62 2.27 -38.24
N THR A 517 -9.87 2.53 -39.32
CA THR A 517 -10.40 3.33 -40.41
C THR A 517 -11.06 2.40 -41.45
N LYS A 518 -10.81 1.09 -41.33
CA LYS A 518 -11.24 0.17 -42.39
C LYS A 518 -12.27 -0.82 -41.90
N SER A 519 -11.90 -1.60 -40.88
CA SER A 519 -12.83 -2.61 -40.34
C SER A 519 -12.38 -3.13 -38.99
N LEU A 520 -13.35 -3.65 -38.23
CA LEU A 520 -13.08 -4.17 -36.89
C LEU A 520 -12.28 -5.46 -36.95
N GLY A 521 -11.68 -5.87 -35.85
CA GLY A 521 -10.99 -7.15 -35.83
C GLY A 521 -9.63 -7.12 -35.16
N GLY A 522 -8.93 -6.00 -35.27
CA GLY A 522 -7.56 -5.89 -34.73
C GLY A 522 -7.57 -5.62 -33.24
N GLU A 523 -6.42 -5.82 -32.58
CA GLU A 523 -6.36 -5.54 -31.17
C GLU A 523 -4.99 -5.08 -30.80
N VAL A 524 -4.95 -4.30 -29.73
CA VAL A 524 -3.66 -4.05 -29.07
C VAL A 524 -3.73 -4.49 -27.62
N LYS A 525 -2.59 -4.83 -27.06
CA LYS A 525 -2.57 -5.15 -25.64
C LYS A 525 -1.84 -4.05 -24.91
N VAL A 526 -2.48 -3.50 -23.89
CA VAL A 526 -1.82 -2.54 -23.04
C VAL A 526 -1.22 -3.32 -21.88
N LYS A 527 0.09 -3.42 -21.87
CA LYS A 527 0.75 -4.17 -20.82
C LYS A 527 0.77 -3.40 -19.52
N GLY A 528 0.85 -2.07 -19.63
CA GLY A 528 1.02 -1.27 -18.42
C GLY A 528 1.03 0.23 -18.65
N PHE A 529 0.85 0.97 -17.56
CA PHE A 529 0.92 2.41 -17.60
C PHE A 529 1.66 2.85 -16.36
N LYS A 530 2.48 3.88 -16.51
CA LYS A 530 3.13 4.53 -15.35
C LYS A 530 3.17 6.05 -15.52
N ASN A 532 5.09 9.31 -14.03
CA ASN A 532 6.19 9.86 -13.24
C ASN A 532 6.03 11.37 -13.09
N ILE A 534 7.42 14.95 -13.03
CA ILE A 534 8.59 15.59 -13.62
C ILE A 534 9.04 16.64 -12.63
N LEU A 535 10.17 16.42 -11.98
CA LEU A 535 10.64 17.36 -10.97
C LEU A 535 11.83 18.17 -11.49
N SER B 6 29.02 -8.54 34.39
CA SER B 6 27.93 -7.82 35.10
C SER B 6 27.22 -6.73 34.26
N THR B 7 27.70 -6.49 33.03
CA THR B 7 27.04 -5.55 32.09
C THR B 7 26.93 -6.13 30.69
N PHE B 8 26.15 -5.49 29.82
CA PHE B 8 26.03 -5.93 28.42
C PHE B 8 26.05 -4.76 27.44
N THR B 9 26.32 -5.06 26.18
CA THR B 9 26.25 -4.07 25.10
C THR B 9 25.09 -4.33 24.12
N ASN B 10 24.44 -3.26 23.68
CA ASN B 10 23.43 -3.35 22.61
C ASN B 10 24.05 -3.36 21.21
N PRO B 11 23.45 -4.09 20.23
CA PRO B 11 22.25 -4.94 20.31
C PRO B 11 22.57 -6.25 21.04
N VAL B 12 21.58 -6.87 21.69
CA VAL B 12 21.83 -8.13 22.41
C VAL B 12 22.00 -9.31 21.45
N LEU B 13 21.33 -9.25 20.32
CA LEU B 13 21.50 -10.26 19.28
C LEU B 13 21.52 -9.57 17.94
N TRP B 14 22.58 -9.81 17.17
CA TRP B 14 22.70 -9.11 15.90
C TRP B 14 22.22 -9.99 14.78
N GLU B 15 20.96 -10.40 14.86
CA GLU B 15 20.37 -11.29 13.88
C GLU B 15 18.91 -10.89 13.75
N ASP B 16 18.41 -10.92 12.52
CA ASP B 16 17.07 -10.50 12.20
C ASP B 16 15.97 -11.30 12.92
N HIS B 17 15.39 -10.73 13.97
CA HIS B 17 14.28 -11.37 14.72
C HIS B 17 13.20 -10.36 15.02
N PRO B 18 12.41 -10.00 13.98
CA PRO B 18 11.50 -8.87 14.06
C PRO B 18 10.19 -9.14 14.82
N ASP B 19 9.49 -8.05 15.18
CA ASP B 19 8.13 -8.14 15.73
C ASP B 19 8.08 -8.95 17.03
N LEU B 20 9.07 -8.75 17.87
CA LEU B 20 9.30 -9.64 18.97
C LEU B 20 8.21 -9.54 20.05
N GLU B 21 7.98 -10.67 20.69
CA GLU B 21 7.23 -10.76 21.93
C GLU B 21 8.19 -11.35 22.95
N VAL B 22 8.25 -10.78 24.14
CA VAL B 22 9.03 -11.38 25.21
C VAL B 22 8.21 -11.66 26.48
N PHE B 23 8.49 -12.78 27.15
CA PHE B 23 7.86 -13.07 28.44
C PHE B 23 8.78 -13.97 29.25
N ARG B 24 8.48 -14.08 30.54
CA ARG B 24 9.32 -14.88 31.44
C ARG B 24 8.51 -16.03 32.01
N VAL B 25 9.13 -17.21 32.08
CA VAL B 25 8.55 -18.31 32.84
C VAL B 25 9.61 -18.77 33.84
N GLY B 26 9.43 -18.44 35.12
CA GLY B 26 10.42 -18.84 36.15
C GLY B 26 11.73 -18.14 35.84
N SER B 27 12.79 -18.93 35.65
CA SER B 27 14.09 -18.35 35.33
C SER B 27 14.34 -18.11 33.84
N VAL B 28 13.38 -18.47 32.99
CA VAL B 28 13.70 -18.48 31.56
C VAL B 28 12.90 -17.39 30.85
N PHE B 29 13.57 -16.60 30.02
CA PHE B 29 12.93 -15.66 29.13
C PHE B 29 12.75 -16.30 27.77
N TYR B 30 11.57 -16.06 27.19
CA TYR B 30 11.24 -16.56 25.86
C TYR B 30 10.96 -15.37 24.95
N TYR B 31 11.26 -15.56 23.68
CA TYR B 31 11.21 -14.48 22.68
C TYR B 31 10.64 -15.07 21.38
N SER B 32 9.55 -14.50 20.88
CA SER B 32 8.94 -15.02 19.65
C SER B 32 9.10 -13.96 18.54
N SER B 33 9.46 -14.37 17.31
CA SER B 33 9.63 -13.42 16.20
C SER B 33 8.87 -13.83 14.93
N SER B 34 8.78 -12.90 13.97
CA SER B 34 7.97 -13.12 12.77
C SER B 34 8.85 -13.54 11.60
N THR B 35 8.30 -14.31 10.68
CA THR B 35 9.11 -14.99 9.65
C THR B 35 8.51 -14.99 8.23
N PHE B 36 7.34 -14.38 8.05
CA PHE B 36 6.81 -14.22 6.69
C PHE B 36 6.62 -15.59 6.02
N ALA B 37 7.22 -15.83 4.87
CA ALA B 37 7.02 -17.12 4.16
C ALA B 37 8.16 -18.14 4.43
N TYR B 38 9.02 -17.87 5.40
CA TYR B 38 10.04 -18.84 5.78
C TYR B 38 9.43 -19.95 6.66
N SER B 39 9.92 -21.18 6.52
CA SER B 39 9.26 -22.39 7.06
C SER B 39 10.36 -23.33 7.59
N PRO B 40 10.30 -23.72 8.88
CA PRO B 40 9.26 -23.44 9.86
C PRO B 40 9.24 -21.97 10.24
N GLY B 41 8.09 -21.50 10.73
CA GLY B 41 7.90 -20.13 11.11
C GLY B 41 7.79 -19.91 12.60
N ALA B 42 7.84 -18.64 12.98
CA ALA B 42 7.68 -18.21 14.38
C ALA B 42 8.68 -18.85 15.33
N PRO B 43 9.97 -18.52 15.14
CA PRO B 43 10.96 -19.07 16.07
C PRO B 43 10.71 -18.62 17.49
N VAL B 44 11.19 -19.45 18.43
CA VAL B 44 11.20 -19.14 19.84
C VAL B 44 12.66 -19.18 20.27
N LEU B 45 13.12 -18.10 20.88
CA LEU B 45 14.48 -18.01 21.43
C LEU B 45 14.38 -17.98 22.95
N LYS B 46 15.44 -18.45 23.60
CA LYS B 46 15.44 -18.62 25.03
C LYS B 46 16.66 -17.90 25.60
N SER B 47 16.51 -17.23 26.72
CA SER B 47 17.70 -16.79 27.48
C SER B 47 17.43 -16.76 28.97
N TYR B 48 18.53 -16.73 29.72
CA TYR B 48 18.46 -16.61 31.18
C TYR B 48 18.72 -15.18 31.66
N ASP B 49 19.08 -14.27 30.76
CA ASP B 49 19.51 -12.91 31.17
C ASP B 49 19.05 -11.79 30.26
N LEU B 50 18.23 -12.12 29.26
CA LEU B 50 17.71 -11.15 28.25
C LEU B 50 18.76 -10.71 27.23
N VAL B 51 19.99 -11.21 27.38
CA VAL B 51 21.11 -10.78 26.56
C VAL B 51 21.62 -11.89 25.65
N HIS B 52 21.86 -13.07 26.19
CA HIS B 52 22.37 -14.18 25.39
C HIS B 52 21.28 -15.13 25.01
N TRP B 53 20.88 -15.06 23.74
CA TRP B 53 19.73 -15.80 23.23
C TRP B 53 20.13 -16.98 22.39
N THR B 54 19.40 -18.09 22.56
CA THR B 54 19.55 -19.26 21.67
C THR B 54 18.18 -19.71 21.14
N PRO B 55 18.08 -20.03 19.84
CA PRO B 55 16.83 -20.55 19.31
C PRO B 55 16.55 -21.97 19.79
N VAL B 56 15.29 -22.24 20.20
CA VAL B 56 14.94 -23.55 20.76
C VAL B 56 13.81 -24.33 20.08
N THR B 57 12.88 -23.64 19.45
CA THR B 57 11.80 -24.30 18.71
C THR B 57 11.21 -23.31 17.70
N HIS B 58 10.22 -23.77 16.94
CA HIS B 58 9.46 -22.91 16.02
C HIS B 58 8.03 -23.26 16.27
N SER B 59 7.16 -22.25 16.43
CA SER B 59 5.75 -22.50 16.75
C SER B 59 4.93 -23.07 15.60
N VAL B 60 5.40 -22.85 14.36
CA VAL B 60 4.70 -23.27 13.16
C VAL B 60 5.60 -24.19 12.32
N PRO B 61 5.61 -25.51 12.61
CA PRO B 61 6.58 -26.38 11.94
C PRO B 61 6.48 -26.45 10.42
N ARG B 62 5.26 -26.31 9.91
CA ARG B 62 5.02 -26.18 8.47
C ARG B 62 3.89 -25.18 8.35
N LEU B 63 4.06 -24.20 7.45
CA LEU B 63 3.06 -23.14 7.30
C LEU B 63 1.78 -23.72 6.72
N ASN B 64 0.67 -23.55 7.44
CA ASN B 64 -0.60 -24.16 7.05
C ASN B 64 -1.62 -23.13 6.56
N PHE B 65 -1.13 -22.11 5.88
CA PHE B 65 -1.96 -20.95 5.55
C PHE B 65 -2.51 -20.94 4.12
N GLY B 66 -2.24 -21.96 3.33
CA GLY B 66 -2.83 -22.05 2.00
C GLY B 66 -1.84 -22.59 1.01
N SER B 67 -2.32 -22.96 -0.17
CA SER B 67 -1.46 -23.66 -1.12
C SER B 67 -0.27 -22.85 -1.68
N ASN B 68 -0.37 -21.52 -1.69
CA ASN B 68 0.72 -20.65 -2.17
C ASN B 68 1.99 -20.84 -1.32
N TYR B 69 1.81 -21.33 -0.11
CA TYR B 69 2.92 -21.44 0.84
C TYR B 69 3.83 -22.62 0.51
N ASP B 70 3.37 -23.44 -0.43
CA ASP B 70 4.14 -24.56 -0.95
C ASP B 70 4.94 -24.17 -2.20
N LEU B 71 4.85 -22.90 -2.59
CA LEU B 71 5.52 -22.36 -3.79
C LEU B 71 5.26 -23.27 -5.02
N PRO B 72 3.97 -23.53 -5.34
CA PRO B 72 3.60 -24.47 -6.41
C PRO B 72 3.98 -24.01 -7.81
N SER B 73 3.97 -22.71 -8.06
CA SER B 73 4.14 -22.22 -9.44
C SER B 73 4.82 -20.86 -9.48
N GLY B 74 6.02 -20.79 -8.91
CA GLY B 74 6.85 -19.61 -9.01
C GLY B 74 6.33 -18.40 -8.25
N THR B 75 6.92 -17.24 -8.53
CA THR B 75 6.53 -15.97 -7.91
C THR B 75 5.16 -15.51 -8.44
N PRO B 76 4.41 -14.75 -7.63
CA PRO B 76 4.82 -14.17 -6.36
C PRO B 76 4.74 -15.13 -5.18
N GLY B 77 4.27 -16.37 -5.40
CA GLY B 77 4.19 -17.37 -4.32
C GLY B 77 3.47 -16.80 -3.11
N ALA B 78 4.11 -16.88 -1.94
CA ALA B 78 3.64 -16.20 -0.76
C ALA B 78 4.70 -15.25 -0.17
N TYR B 79 5.68 -14.83 -0.99
CA TYR B 79 6.70 -13.89 -0.56
C TYR B 79 6.13 -12.71 0.20
N VAL B 80 6.66 -12.49 1.41
CA VAL B 80 6.33 -11.32 2.27
C VAL B 80 4.88 -11.35 2.78
N LYS B 81 4.20 -12.48 2.60
CA LYS B 81 2.90 -12.70 3.26
C LYS B 81 3.19 -13.51 4.52
N GLY B 82 2.41 -14.55 4.80
CA GLY B 82 2.75 -15.43 5.93
C GLY B 82 2.74 -14.75 7.30
N ILE B 83 3.70 -15.10 8.15
CA ILE B 83 3.69 -14.65 9.53
C ILE B 83 4.22 -13.22 9.70
N TRP B 84 3.29 -12.33 10.09
CA TRP B 84 3.61 -10.94 10.41
C TRP B 84 3.69 -10.83 11.91
N ALA B 85 3.53 -9.64 12.50
CA ALA B 85 3.59 -9.55 13.96
C ALA B 85 2.51 -10.43 14.61
N SER B 86 2.94 -11.27 15.54
CA SER B 86 2.07 -12.30 16.10
C SER B 86 2.30 -12.28 17.58
N THR B 87 1.90 -13.34 18.28
CA THR B 87 2.01 -13.34 19.74
C THR B 87 2.13 -14.75 20.34
N LEU B 88 2.81 -14.83 21.49
CA LEU B 88 3.09 -16.10 22.13
C LEU B 88 3.05 -15.85 23.63
N ARG B 89 2.33 -16.72 24.35
CA ARG B 89 2.36 -16.76 25.83
C ARG B 89 2.35 -18.20 26.36
N TYR B 90 2.80 -18.38 27.59
CA TYR B 90 2.74 -19.68 28.28
C TYR B 90 1.58 -19.72 29.25
N ARG B 91 0.66 -20.67 29.08
CA ARG B 91 -0.47 -20.81 29.98
C ARG B 91 -0.11 -21.80 31.08
N ARG B 92 0.07 -21.31 32.31
CA ARG B 92 0.51 -22.18 33.41
C ARG B 92 -0.57 -23.18 33.83
N SER B 93 -1.83 -22.77 33.75
CA SER B 93 -2.94 -23.63 34.20
C SER B 93 -2.99 -24.99 33.50
N ASN B 94 -2.62 -25.04 32.22
CA ASN B 94 -2.60 -26.32 31.51
C ASN B 94 -1.26 -26.66 30.87
N ASP B 95 -0.22 -25.93 31.28
CA ASP B 95 1.14 -26.21 30.83
C ASP B 95 1.21 -26.27 29.28
N ARG B 96 0.71 -25.21 28.64
CA ARG B 96 0.63 -25.17 27.19
C ARG B 96 1.00 -23.78 26.65
N PHE B 97 1.80 -23.76 25.59
CA PHE B 97 2.17 -22.54 24.89
C PHE B 97 1.11 -22.27 23.83
N TYR B 98 0.69 -21.01 23.73
CA TYR B 98 -0.29 -20.59 22.71
C TYR B 98 0.33 -19.54 21.81
N TRP B 99 0.44 -19.86 20.52
CA TRP B 99 0.89 -18.94 19.48
C TRP B 99 -0.29 -18.54 18.64
N TYR B 100 -0.56 -17.23 18.54
CA TYR B 100 -1.58 -16.72 17.62
C TYR B 100 -0.95 -15.81 16.56
N GLY B 101 -1.33 -16.04 15.32
CA GLY B 101 -0.98 -15.09 14.28
C GLY B 101 -2.02 -14.98 13.19
N CYS B 102 -2.31 -13.75 12.79
CA CYS B 102 -3.24 -13.50 11.71
C CYS B 102 -2.46 -13.58 10.39
N VAL B 103 -2.90 -14.46 9.51
CA VAL B 103 -2.29 -14.62 8.20
C VAL B 103 -3.41 -14.55 7.17
N GLU B 104 -3.34 -13.53 6.31
CA GLU B 104 -4.30 -13.32 5.23
C GLU B 104 -5.75 -13.36 5.71
N GLY B 105 -6.05 -12.55 6.72
CA GLY B 105 -7.43 -12.34 7.18
C GLY B 105 -8.04 -13.40 8.09
N ARG B 106 -7.24 -14.35 8.55
CA ARG B 106 -7.69 -15.39 9.49
C ARG B 106 -6.64 -15.54 10.59
N THR B 107 -7.08 -15.86 11.80
CA THR B 107 -6.14 -16.05 12.91
C THR B 107 -5.90 -17.52 13.21
N TYR B 108 -4.62 -17.89 13.22
CA TYR B 108 -4.24 -19.30 13.37
C TYR B 108 -3.71 -19.47 14.77
N LEU B 109 -4.12 -20.54 15.43
CA LEU B 109 -3.60 -20.91 16.75
C LEU B 109 -2.83 -22.22 16.67
N TRP B 110 -1.57 -22.14 17.11
CA TRP B 110 -0.71 -23.30 17.23
C TRP B 110 -0.34 -23.43 18.68
N THR B 111 -0.41 -24.64 19.22
CA THR B 111 -0.11 -24.87 20.65
C THR B 111 0.87 -26.02 20.81
N SER B 112 1.59 -25.99 21.94
CA SER B 112 2.50 -27.06 22.34
C SER B 112 2.41 -27.26 23.86
N PRO B 113 2.42 -28.52 24.32
CA PRO B 113 2.67 -28.77 25.76
C PRO B 113 4.04 -28.18 26.14
N GLY B 114 4.24 -27.90 27.42
CA GLY B 114 5.49 -27.30 27.88
C GLY B 114 6.38 -28.23 28.69
N GLY B 115 6.10 -29.54 28.67
CA GLY B 115 6.85 -30.52 29.46
C GLY B 115 6.97 -30.16 30.94
N ASN B 116 5.87 -29.67 31.51
CA ASN B 116 5.81 -29.29 32.92
C ASN B 116 6.76 -28.13 33.27
N ALA B 117 6.79 -27.12 32.41
CA ALA B 117 7.71 -25.99 32.53
C ALA B 117 7.60 -25.24 33.85
N LEU B 118 6.38 -24.99 34.29
CA LEU B 118 6.13 -24.14 35.46
C LEU B 118 6.72 -24.76 36.71
N ALA B 119 6.83 -26.09 36.71
CA ALA B 119 7.34 -26.84 37.86
C ALA B 119 8.84 -27.05 37.74
N ASN B 120 9.41 -26.69 36.60
CA ASN B 120 10.84 -26.87 36.36
C ASN B 120 11.58 -25.59 36.05
N ASN B 121 11.24 -24.52 36.76
CA ASN B 121 11.93 -23.25 36.61
C ASN B 121 11.73 -22.62 35.23
N GLY B 122 10.68 -23.05 34.53
CA GLY B 122 10.41 -22.59 33.18
C GLY B 122 11.13 -23.31 32.05
N GLU B 123 11.81 -24.42 32.37
CA GLU B 123 12.53 -25.20 31.35
C GLU B 123 11.59 -26.12 30.58
N VAL B 124 11.82 -26.22 29.29
CA VAL B 124 11.08 -27.15 28.46
C VAL B 124 12.10 -28.15 27.95
N PRO B 125 11.89 -29.45 28.22
CA PRO B 125 12.81 -30.42 27.61
C PRO B 125 12.74 -30.31 26.08
N PRO B 126 13.88 -30.38 25.38
CA PRO B 126 13.84 -30.35 23.90
C PRO B 126 12.85 -31.36 23.31
N SER B 127 12.72 -32.54 23.90
CA SER B 127 11.81 -33.57 23.37
C SER B 127 10.32 -33.26 23.61
N ALA B 128 10.04 -32.31 24.50
CA ALA B 128 8.67 -31.98 24.87
C ALA B 128 7.91 -31.17 23.82
N TRP B 129 8.59 -30.33 23.06
CA TRP B 129 7.91 -29.45 22.08
C TRP B 129 7.17 -30.27 21.05
N ASN B 130 5.89 -29.97 20.88
CA ASN B 130 5.04 -30.70 19.95
C ASN B 130 3.94 -29.74 19.49
N TRP B 131 4.24 -28.98 18.44
CA TRP B 131 3.38 -27.91 17.98
C TRP B 131 2.35 -28.44 17.06
N GLN B 132 1.09 -28.15 17.37
CA GLN B 132 -0.01 -28.66 16.60
C GLN B 132 -0.95 -27.53 16.31
N HIS B 133 -1.52 -27.54 15.11
CA HIS B 133 -2.53 -26.56 14.74
C HIS B 133 -3.79 -26.84 15.51
N THR B 134 -4.21 -25.91 16.36
CA THR B 134 -5.30 -26.14 17.33
C THR B 134 -6.62 -25.49 16.90
N ALA B 135 -6.54 -24.30 16.33
CA ALA B 135 -7.75 -23.55 15.95
C ALA B 135 -7.45 -22.61 14.84
N THR B 136 -8.50 -22.25 14.10
CA THR B 136 -8.47 -21.12 13.18
C THR B 136 -9.67 -20.27 13.54
N ILE B 137 -9.42 -18.99 13.84
CA ILE B 137 -10.47 -18.05 14.21
C ILE B 137 -10.77 -17.13 13.02
N ASP B 138 -12.06 -16.98 12.67
CA ASP B 138 -12.41 -16.19 11.49
C ASP B 138 -11.94 -14.73 11.52
N ASN B 139 -11.83 -14.18 12.73
CA ASN B 139 -11.45 -12.79 12.98
C ASN B 139 -9.98 -12.47 12.67
N CYS B 140 -9.76 -11.24 12.22
CA CYS B 140 -8.47 -10.76 11.75
C CYS B 140 -7.72 -10.02 12.89
N TYR B 141 -6.94 -10.74 13.69
CA TYR B 141 -6.22 -10.06 14.77
C TYR B 141 -4.88 -9.55 14.27
N TYR B 142 -4.92 -8.53 13.41
CA TYR B 142 -3.73 -7.86 12.92
C TYR B 142 -2.87 -7.30 14.07
N ASP B 143 -1.57 -7.61 14.04
CA ASP B 143 -0.62 -7.24 15.13
C ASP B 143 -1.20 -7.60 16.48
N ALA B 144 -1.38 -8.91 16.69
CA ALA B 144 -1.99 -9.44 17.90
C ALA B 144 -1.06 -9.36 19.09
N GLY B 145 -1.62 -9.03 20.23
CA GLY B 145 -0.94 -9.16 21.54
C GLY B 145 -1.82 -9.93 22.52
N LEU B 146 -1.40 -11.16 22.83
CA LEU B 146 -2.13 -12.03 23.75
C LEU B 146 -1.83 -11.71 25.19
N LEU B 147 -2.88 -11.72 26.01
CA LEU B 147 -2.74 -11.66 27.48
C LEU B 147 -3.51 -12.81 28.11
N ILE B 148 -2.85 -13.53 29.01
CA ILE B 148 -3.51 -14.53 29.83
C ILE B 148 -3.66 -13.86 31.19
N ASP B 149 -4.89 -13.49 31.52
CA ASP B 149 -5.16 -12.59 32.64
C ASP B 149 -5.05 -13.38 33.96
N ASP B 150 -5.08 -12.66 35.09
CA ASP B 150 -4.86 -13.31 36.40
C ASP B 150 -5.92 -14.36 36.73
N ASP B 151 -7.11 -14.23 36.13
CA ASP B 151 -8.19 -15.20 36.31
C ASP B 151 -8.21 -16.30 35.24
N ASP B 152 -7.16 -16.34 34.40
CA ASP B 152 -6.99 -17.35 33.33
C ASP B 152 -7.94 -17.15 32.15
N THR B 153 -8.54 -15.97 32.08
CA THR B 153 -9.25 -15.54 30.87
C THR B 153 -8.24 -14.98 29.87
N TYR B 155 -7.19 -12.74 26.50
CA TYR B 155 -7.55 -11.54 25.73
C TYR B 155 -6.49 -11.33 24.66
N ILE B 156 -6.89 -10.78 23.52
CA ILE B 156 -5.93 -10.39 22.49
C ILE B 156 -6.23 -8.93 22.13
N ALA B 157 -5.22 -8.05 22.29
CA ALA B 157 -5.28 -6.70 21.71
C ALA B 157 -4.75 -6.76 20.28
N TYR B 158 -5.34 -5.98 19.39
CA TYR B 158 -4.97 -5.99 17.99
C TYR B 158 -5.43 -4.73 17.27
N GLY B 159 -4.95 -4.59 16.05
CA GLY B 159 -5.47 -3.58 15.12
C GLY B 159 -4.50 -2.51 14.68
N ASN B 160 -4.95 -1.71 13.71
CA ASN B 160 -4.23 -0.57 13.14
C ASN B 160 -5.32 0.13 12.31
N PRO B 161 -5.50 1.44 12.49
CA PRO B 161 -4.68 2.40 13.23
C PRO B 161 -5.15 2.59 14.68
N THR B 162 -6.21 1.90 15.06
CA THR B 162 -6.76 2.00 16.40
C THR B 162 -6.71 0.62 17.02
N ILE B 163 -6.77 0.56 18.35
CA ILE B 163 -6.61 -0.71 19.05
C ILE B 163 -7.96 -1.24 19.52
N ASN B 164 -8.15 -2.54 19.33
CA ASN B 164 -9.30 -3.29 19.77
C ASN B 164 -8.87 -4.35 20.77
N VAL B 165 -9.80 -4.83 21.61
CA VAL B 165 -9.51 -5.97 22.49
C VAL B 165 -10.60 -7.05 22.35
N ALA B 166 -10.17 -8.28 22.08
CA ALA B 166 -11.10 -9.42 22.06
C ALA B 166 -10.84 -10.30 23.29
N GLN B 167 -11.92 -10.88 23.81
CA GLN B 167 -11.85 -11.89 24.87
C GLN B 167 -12.09 -13.26 24.24
N LEU B 168 -11.23 -14.21 24.56
CA LEU B 168 -11.39 -15.56 24.02
C LEU B 168 -12.19 -16.47 24.95
N SER B 169 -12.69 -17.59 24.40
CA SER B 169 -13.33 -18.64 25.16
C SER B 169 -12.29 -19.25 26.11
N PRO B 170 -12.74 -19.99 27.14
CA PRO B 170 -11.82 -20.67 28.07
C PRO B 170 -10.69 -21.47 27.38
N ASP B 171 -11.02 -22.18 26.30
CA ASP B 171 -10.01 -22.98 25.58
C ASP B 171 -9.22 -22.23 24.48
N GLY B 172 -9.57 -20.97 24.28
CA GLY B 172 -8.77 -20.07 23.47
C GLY B 172 -9.02 -20.19 21.99
N THR B 173 -10.07 -20.91 21.59
CA THR B 173 -10.26 -21.21 20.19
C THR B 173 -11.28 -20.34 19.48
N ARG B 174 -12.00 -19.49 20.24
CA ARG B 174 -12.95 -18.60 19.64
CA ARG B 174 -13.06 -18.65 19.71
C ARG B 174 -13.11 -17.29 20.42
N GLN B 175 -13.62 -16.29 19.73
CA GLN B 175 -13.87 -14.99 20.33
C GLN B 175 -15.24 -15.04 20.99
N VAL B 176 -15.35 -14.51 22.21
CA VAL B 176 -16.64 -14.48 22.90
C VAL B 176 -17.14 -13.09 23.28
N ARG B 177 -16.23 -12.12 23.32
CA ARG B 177 -16.54 -10.71 23.58
C ARG B 177 -15.49 -9.86 22.89
N VAL B 178 -15.82 -8.60 22.63
CA VAL B 178 -14.92 -7.71 21.89
C VAL B 178 -15.28 -6.26 22.14
N GLN B 179 -14.27 -5.41 22.19
CA GLN B 179 -14.46 -3.96 22.19
C GLN B 179 -13.61 -3.34 21.08
N GLN B 180 -14.29 -2.74 20.10
CA GLN B 180 -13.59 -1.95 19.10
C GLN B 180 -13.13 -0.63 19.67
N ARG B 181 -11.94 -0.19 19.26
CA ARG B 181 -11.47 1.16 19.52
C ARG B 181 -11.36 1.43 21.04
N VAL B 182 -10.66 0.54 21.75
CA VAL B 182 -10.32 0.80 23.15
C VAL B 182 -9.28 1.93 23.28
N TYR B 183 -8.56 2.18 22.18
CA TYR B 183 -7.65 3.33 22.07
C TYR B 183 -7.58 3.89 20.66
N ALA B 184 -7.75 5.19 20.55
CA ALA B 184 -7.48 5.95 19.33
C ALA B 184 -6.63 7.14 19.74
N HIS B 185 -5.54 7.37 19.03
CA HIS B 185 -4.68 8.49 19.39
C HIS B 185 -5.41 9.81 19.19
N PRO B 186 -5.43 10.68 20.22
CA PRO B 186 -6.23 11.91 20.21
C PRO B 186 -5.94 12.86 19.02
N GLN B 187 -4.73 12.80 18.48
CA GLN B 187 -4.35 13.61 17.33
C GLN B 187 -4.53 12.90 15.97
N GLY B 188 -4.84 11.61 15.98
CA GLY B 188 -5.04 10.88 14.72
C GLY B 188 -3.83 10.02 14.31
N GLN B 189 -2.82 9.97 15.16
CA GLN B 189 -1.63 9.16 14.85
C GLN B 189 -2.04 7.70 14.70
N THR B 190 -1.44 7.03 13.73
CA THR B 190 -1.59 5.59 13.58
C THR B 190 -0.78 4.86 14.66
N VAL B 191 -1.42 3.87 15.31
CA VAL B 191 -0.70 2.95 16.21
C VAL B 191 -0.97 1.49 15.82
N GLU B 192 -0.06 0.59 16.19
CA GLU B 192 -0.18 -0.83 15.90
C GLU B 192 0.81 -1.59 16.80
N GLY B 193 1.07 -2.86 16.48
CA GLY B 193 2.12 -3.61 17.18
C GLY B 193 1.80 -3.94 18.63
N ALA B 194 0.51 -4.14 18.92
CA ALA B 194 0.06 -4.35 20.29
C ALA B 194 0.77 -5.52 21.03
N ARG B 195 1.21 -5.25 22.26
CA ARG B 195 1.49 -6.28 23.28
C ARG B 195 0.67 -5.95 24.51
N TYR B 197 -0.58 -6.57 28.64
CA TYR B 197 -0.09 -6.97 29.97
C TYR B 197 -1.10 -6.69 31.09
N LYS B 198 -1.02 -7.48 32.17
CA LYS B 198 -1.75 -7.22 33.38
C LYS B 198 -0.64 -7.05 34.41
N ILE B 199 -0.49 -5.85 34.96
CA ILE B 199 0.65 -5.56 35.83
C ILE B 199 0.13 -4.84 37.06
N ARG B 200 0.41 -5.41 38.23
CA ARG B 200 -0.08 -4.91 39.53
C ARG B 200 -1.50 -4.32 39.49
N GLY B 201 -2.42 -5.10 38.92
CA GLY B 201 -3.84 -4.81 39.00
C GLY B 201 -4.37 -3.96 37.87
N ASN B 202 -3.49 -3.54 36.97
CA ASN B 202 -3.88 -2.64 35.87
C ASN B 202 -3.61 -3.28 34.50
N TYR B 203 -4.40 -2.90 33.48
CA TYR B 203 -4.18 -3.44 32.13
C TYR B 203 -3.34 -2.47 31.34
N TYR B 204 -2.29 -2.97 30.70
CA TYR B 204 -1.45 -2.14 29.85
C TYR B 204 -1.35 -2.72 28.47
N ILE B 205 -1.26 -1.84 27.48
CA ILE B 205 -0.97 -2.23 26.12
C ILE B 205 0.19 -1.36 25.60
N LEU B 206 1.23 -2.00 25.08
CA LEU B 206 2.28 -1.29 24.38
C LEU B 206 1.94 -1.27 22.89
N VAL B 207 2.03 -0.08 22.30
CA VAL B 207 1.83 0.05 20.87
C VAL B 207 2.96 0.87 20.26
N THR B 208 3.20 0.65 18.98
CA THR B 208 4.16 1.46 18.26
C THR B 208 3.43 2.46 17.36
N ARG B 209 4.03 3.64 17.22
CA ARG B 209 3.68 4.61 16.17
C ARG B 209 4.80 4.41 15.15
N PRO B 210 4.51 3.70 14.04
CA PRO B 210 5.52 3.32 13.03
C PRO B 210 6.25 4.54 12.45
N ALA B 211 7.58 4.53 12.39
CA ALA B 211 8.42 3.44 12.87
C ALA B 211 9.42 3.96 13.92
N ASP B 212 8.99 4.94 14.71
CA ASP B 212 9.95 5.72 15.53
C ASP B 212 9.51 5.96 16.98
N ALA B 213 8.38 5.42 17.38
CA ALA B 213 7.87 5.69 18.73
C ALA B 213 7.12 4.51 19.31
N GLU B 214 7.15 4.42 20.63
CA GLU B 214 6.36 3.46 21.38
C GLU B 214 5.57 4.18 22.47
N TYR B 215 4.30 3.84 22.60
CA TYR B 215 3.44 4.39 23.65
C TYR B 215 3.03 3.29 24.60
N VAL B 216 2.88 3.64 25.87
CA VAL B 216 2.30 2.72 26.85
C VAL B 216 0.87 3.19 27.09
N LEU B 217 -0.06 2.26 26.98
CA LEU B 217 -1.49 2.55 27.19
C LEU B 217 -1.86 1.88 28.49
N ARG B 218 -2.72 2.55 29.28
CA ARG B 218 -3.22 1.95 30.51
C ARG B 218 -4.74 2.15 30.64
N SER B 219 -5.44 1.11 31.09
CA SER B 219 -6.89 1.17 31.13
C SER B 219 -7.34 2.18 32.20
N THR B 220 -8.27 3.06 31.83
CA THR B 220 -8.72 4.10 32.78
C THR B 220 -9.80 3.58 33.72
N THR B 221 -10.35 2.42 33.41
CA THR B 221 -11.48 1.88 34.15
C THR B 221 -11.11 0.66 34.97
N GLY B 222 -9.92 0.11 34.66
CA GLY B 222 -9.47 -1.15 35.23
C GLY B 222 -10.04 -2.38 34.55
N SER B 223 -10.75 -2.17 33.44
CA SER B 223 -11.29 -3.28 32.64
C SER B 223 -10.37 -3.50 31.45
N PRO B 224 -10.28 -4.76 30.97
CA PRO B 224 -9.45 -5.02 29.80
C PRO B 224 -9.97 -4.28 28.56
N PHE B 225 -11.26 -3.96 28.55
CA PHE B 225 -11.85 -3.26 27.42
C PHE B 225 -11.63 -1.74 27.49
N GLY B 226 -10.96 -1.28 28.53
CA GLY B 226 -10.58 0.13 28.62
C GLY B 226 -11.76 1.05 28.89
N PRO B 227 -11.80 2.25 28.27
CA PRO B 227 -10.84 2.88 27.36
C PRO B 227 -9.44 3.03 27.96
N TYR B 228 -8.45 3.19 27.09
CA TYR B 228 -7.08 3.41 27.53
C TYR B 228 -6.66 4.86 27.36
N GLU B 229 -5.76 5.30 28.23
CA GLU B 229 -5.01 6.55 28.13
C GLU B 229 -3.54 6.22 27.87
N ALA B 230 -2.75 7.19 27.39
CA ALA B 230 -1.38 6.88 26.98
C ALA B 230 -0.31 7.81 27.56
N ARG B 231 0.91 7.29 27.60
CA ARG B 231 2.10 8.09 27.78
C ARG B 231 3.10 7.63 26.75
N THR B 232 4.00 8.53 26.35
CA THR B 232 5.08 8.16 25.47
C THR B 232 6.09 7.32 26.25
N LEU B 233 6.55 6.22 25.65
CA LEU B 233 7.62 5.45 26.26
C LEU B 233 8.95 5.86 25.61
N VAL B 234 9.00 5.79 24.28
CA VAL B 234 10.09 6.40 23.49
C VAL B 234 9.51 7.11 22.29
N SER B 235 10.19 8.18 21.86
CA SER B 235 9.82 8.83 20.63
C SER B 235 11.04 9.42 19.98
N ARG B 236 11.42 8.84 18.85
CA ARG B 236 12.60 9.24 18.11
C ARG B 236 13.83 9.31 19.03
N ILE B 237 13.94 8.33 19.92
CA ILE B 237 15.07 8.28 20.85
C ILE B 237 16.36 8.04 20.09
N GLN B 238 17.44 8.67 20.53
CA GLN B 238 18.70 8.48 19.84
C GLN B 238 19.40 7.21 20.38
N GLY B 239 20.09 6.51 19.50
CA GLY B 239 20.90 5.35 19.91
C GLY B 239 20.10 4.07 20.04
N PRO B 240 20.77 2.93 20.32
CA PRO B 240 22.19 2.73 20.60
C PRO B 240 23.07 2.44 19.37
N LEU B 241 22.47 2.40 18.18
CA LEU B 241 23.18 2.16 16.92
C LEU B 241 22.84 3.23 15.88
N ALA B 242 23.82 3.61 15.06
CA ALA B 242 23.59 4.53 13.95
C ALA B 242 23.02 3.83 12.70
N ASN B 243 22.30 4.59 11.89
CA ASN B 243 21.84 4.14 10.58
C ASN B 243 20.98 2.89 10.73
N ALA B 244 20.21 2.85 11.80
CA ALA B 244 19.37 1.69 12.07
C ALA B 244 17.95 2.12 12.49
N GLY B 245 17.51 3.28 11.97
CA GLY B 245 16.19 3.81 12.29
C GLY B 245 16.11 4.11 13.78
N PHE B 246 14.99 3.75 14.40
CA PHE B 246 14.77 4.05 15.79
C PHE B 246 14.32 2.81 16.55
N ALA B 247 14.75 2.70 17.82
CA ALA B 247 14.21 1.71 18.73
C ALA B 247 12.69 1.85 18.83
N HIS B 248 11.98 0.78 18.52
CA HIS B 248 10.51 0.76 18.61
C HIS B 248 9.91 -0.62 18.69
N GLN B 249 8.61 -0.67 18.95
CA GLN B 249 7.87 -1.93 19.02
C GLN B 249 8.46 -2.84 20.10
N GLY B 250 8.34 -4.15 19.96
CA GLY B 250 8.80 -5.05 21.05
C GLY B 250 7.92 -5.00 22.28
N GLY B 251 8.50 -5.29 23.45
CA GLY B 251 7.70 -5.58 24.63
C GLY B 251 8.47 -5.41 25.91
N ILE B 252 7.75 -5.47 27.03
CA ILE B 252 8.35 -5.31 28.33
C ILE B 252 8.21 -6.59 29.12
N VAL B 253 9.13 -6.82 30.04
CA VAL B 253 9.20 -8.08 30.76
C VAL B 253 9.92 -7.93 32.09
N ASP B 254 9.46 -8.69 33.09
CA ASP B 254 9.99 -8.65 34.44
C ASP B 254 11.05 -9.74 34.58
N ALA B 255 12.12 -9.44 35.31
CA ALA B 255 13.14 -10.41 35.72
C ALA B 255 12.72 -11.02 37.06
N PRO B 256 13.34 -12.14 37.48
CA PRO B 256 13.01 -12.72 38.79
C PRO B 256 13.06 -11.75 39.96
N ASP B 257 14.05 -10.84 39.97
CA ASP B 257 14.21 -9.88 41.05
C ASP B 257 13.20 -8.73 41.04
N GLY B 258 12.24 -8.80 40.12
CA GLY B 258 11.14 -7.84 40.05
C GLY B 258 11.43 -6.57 39.26
N THR B 259 12.62 -6.47 38.68
CA THR B 259 12.99 -5.30 37.89
C THR B 259 12.54 -5.57 36.45
N TRP B 260 12.21 -4.49 35.75
CA TRP B 260 11.59 -4.59 34.43
C TRP B 260 12.49 -4.07 33.35
N HIS B 261 12.30 -4.56 32.13
CA HIS B 261 13.13 -4.17 30.99
C HIS B 261 12.30 -4.03 29.74
N TYR B 262 12.71 -3.12 28.87
CA TYR B 262 12.06 -2.94 27.56
C TYR B 262 12.96 -3.52 26.47
N VAL B 263 12.43 -4.50 25.74
CA VAL B 263 13.11 -5.13 24.59
C VAL B 263 12.44 -4.59 23.32
N ALA B 264 13.14 -3.69 22.63
CA ALA B 264 12.64 -3.14 21.36
C ALA B 264 13.49 -3.66 20.19
N PHE B 265 13.18 -3.23 18.98
CA PHE B 265 14.09 -3.56 17.87
C PHE B 265 14.39 -2.35 17.00
N ASP B 267 15.60 -0.81 13.02
CA ASP B 267 15.55 -1.08 11.58
C ASP B 267 16.95 -1.06 10.96
N ALA B 268 17.91 -2.26 11.46
CA ALA B 268 19.31 -2.31 11.10
C ALA B 268 19.46 -2.90 9.69
N TYR B 269 18.66 -2.42 8.73
CA TYR B 269 18.88 -2.82 7.34
C TYR B 269 20.23 -2.33 6.84
N PRO B 270 21.10 -3.35 6.01
CA PRO B 270 20.51 -4.50 5.29
C PRO B 270 20.52 -5.81 6.11
N GLY B 271 20.88 -5.73 7.39
CA GLY B 271 20.90 -6.93 8.25
C GLY B 271 19.51 -7.44 8.68
N GLY B 272 18.56 -6.52 8.82
CA GLY B 272 17.23 -6.88 9.33
C GLY B 272 16.94 -6.08 10.59
N ARG B 273 16.03 -6.61 11.41
CA ARG B 273 15.59 -5.91 12.61
C ARG B 273 16.03 -6.65 13.85
N ILE B 274 16.82 -5.98 14.66
CA ILE B 274 17.56 -6.63 15.72
C ILE B 274 17.19 -6.04 17.09
N PRO B 275 17.16 -6.91 18.14
CA PRO B 275 16.76 -6.53 19.50
C PRO B 275 17.76 -5.68 20.29
N VAL B 276 17.22 -4.65 20.94
CA VAL B 276 17.98 -3.85 21.91
C VAL B 276 17.20 -3.82 23.23
N VAL B 277 17.93 -3.68 24.34
CA VAL B 277 17.35 -3.81 25.69
C VAL B 277 17.72 -2.60 26.55
N ALA B 278 16.74 -2.05 27.26
CA ALA B 278 17.00 -1.03 28.28
C ALA B 278 16.20 -1.36 29.55
N PRO B 279 16.72 -0.95 30.74
CA PRO B 279 15.94 -1.10 31.97
C PRO B 279 14.73 -0.16 31.95
N LEU B 280 13.68 -0.54 32.69
CA LEU B 280 12.55 0.35 32.97
C LEU B 280 12.55 0.69 34.46
N ARG B 281 11.99 1.86 34.77
CA ARG B 281 11.61 2.18 36.13
C ARG B 281 10.08 2.32 36.13
N TRP B 282 9.48 2.21 37.30
CA TRP B 282 8.05 2.39 37.45
C TRP B 282 7.80 3.60 38.28
N THR B 283 6.99 4.54 37.79
CA THR B 283 6.67 5.76 38.52
C THR B 283 5.80 5.42 39.70
N ALA B 284 5.74 6.32 40.67
CA ALA B 284 4.79 6.17 41.77
C ALA B 284 3.35 6.05 41.25
N ASP B 285 3.04 6.72 40.15
CA ASP B 285 1.65 6.78 39.70
C ASP B 285 1.30 5.66 38.71
N GLY B 286 2.20 4.68 38.58
CA GLY B 286 1.90 3.41 37.91
C GLY B 286 2.18 3.36 36.42
N TRP B 287 3.28 3.99 36.00
CA TRP B 287 3.70 3.97 34.59
C TRP B 287 5.12 3.58 34.43
N PRO B 288 5.43 2.84 33.35
CA PRO B 288 6.84 2.49 33.12
C PRO B 288 7.56 3.59 32.36
N GLU B 289 8.84 3.78 32.64
CA GLU B 289 9.66 4.74 31.91
C GLU B 289 11.00 4.11 31.60
N VAL B 290 11.55 4.40 30.41
CA VAL B 290 12.89 3.94 30.02
C VAL B 290 14.01 4.63 30.78
N VAL B 291 14.86 3.80 31.38
CA VAL B 291 16.06 4.31 32.00
C VAL B 291 17.05 4.59 30.88
N THR B 292 17.23 5.87 30.55
CA THR B 292 18.11 6.25 29.46
C THR B 292 19.51 6.37 30.03
N ASP B 293 20.51 6.65 29.16
CA ASP B 293 21.82 7.03 29.66
C ASP B 293 21.80 8.51 30.11
N SER B 294 22.97 9.06 30.42
CA SER B 294 23.11 10.44 30.88
C SER B 294 22.74 11.51 29.85
N GLN B 295 22.80 11.18 28.56
CA GLN B 295 22.50 12.15 27.51
CA GLN B 295 22.51 12.13 27.48
C GLN B 295 21.06 12.02 26.97
N GLY B 296 20.24 11.22 27.63
CA GLY B 296 18.86 11.00 27.20
C GLY B 296 18.71 9.95 26.10
N ARG B 297 19.75 9.14 25.88
CA ARG B 297 19.74 8.14 24.80
C ARG B 297 19.38 6.75 25.28
N TRP B 298 19.03 5.86 24.34
CA TRP B 298 19.02 4.44 24.61
C TRP B 298 20.45 4.04 24.73
N GLY B 299 20.85 3.58 25.91
CA GLY B 299 22.27 3.33 26.23
C GLY B 299 22.91 2.22 25.42
N THR B 300 24.20 2.37 25.12
CA THR B 300 24.93 1.33 24.43
C THR B 300 25.18 0.17 25.39
N SER B 301 25.21 0.48 26.68
CA SER B 301 25.51 -0.53 27.68
C SER B 301 24.72 -0.35 28.96
N TYR B 302 24.40 -1.46 29.62
CA TYR B 302 23.65 -1.42 30.88
C TYR B 302 24.06 -2.57 31.83
N PRO B 303 23.67 -2.50 33.12
CA PRO B 303 23.93 -3.69 33.94
C PRO B 303 23.18 -4.90 33.40
N ILE B 304 23.74 -6.09 33.65
CA ILE B 304 23.16 -7.35 33.20
C ILE B 304 21.83 -7.59 33.94
N PRO B 305 20.74 -7.85 33.19
CA PRO B 305 19.42 -7.93 33.82
C PRO B 305 19.28 -9.04 34.87
N VAL B 306 20.03 -10.14 34.73
CA VAL B 306 20.10 -11.22 35.73
C VAL B 306 21.57 -11.56 36.05
N ARG B 307 21.98 -11.33 37.30
CA ARG B 307 23.40 -11.44 37.75
C ARG B 307 24.02 -12.85 37.83
N GLY B 308 23.27 -13.78 38.41
CA GLY B 308 23.82 -15.12 38.60
C GLY B 308 23.52 -16.06 37.45
N ALA B 309 23.12 -15.51 36.31
CA ALA B 309 22.53 -16.26 35.20
C ALA B 309 23.18 -17.62 34.94
N LYS B 310 22.28 -18.63 34.86
CA LYS B 310 22.54 -20.00 34.39
C LYS B 310 23.01 -20.00 32.92
N ASN B 311 23.77 -21.04 32.57
CA ASN B 311 24.54 -21.09 31.32
C ASN B 311 23.94 -21.96 30.19
N ALA B 312 22.95 -22.79 30.53
CA ALA B 312 22.46 -23.85 29.64
C ALA B 312 22.00 -23.39 28.26
N THR B 313 22.76 -23.76 27.24
CA THR B 313 22.35 -23.52 25.85
C THR B 313 22.18 -24.85 25.12
N GLU B 314 21.12 -24.93 24.34
CA GLU B 314 20.76 -26.15 23.62
C GLU B 314 21.18 -26.03 22.15
N GLY B 315 21.55 -27.17 21.56
CA GLY B 315 22.03 -27.22 20.18
C GLY B 315 23.14 -26.22 19.85
N LEU B 316 23.30 -25.98 18.55
CA LEU B 316 24.41 -25.21 18.01
C LEU B 316 24.24 -23.71 18.19
N ALA B 317 25.35 -23.03 18.51
CA ALA B 317 25.39 -21.56 18.42
C ALA B 317 25.41 -21.14 16.95
N SER B 318 25.10 -19.87 16.66
CA SER B 318 25.04 -19.39 15.26
C SER B 318 26.33 -19.62 14.49
N THR B 319 27.45 -19.55 15.18
CA THR B 319 28.75 -19.67 14.55
C THR B 319 29.35 -21.07 14.63
N ASP B 320 28.65 -22.05 15.19
CA ASP B 320 29.21 -23.41 15.31
C ASP B 320 29.11 -24.15 13.98
N LEU B 321 30.14 -24.94 13.66
CA LEU B 321 30.10 -25.82 12.47
C LEU B 321 28.84 -26.68 12.52
N ASP B 322 28.11 -26.75 11.41
CA ASP B 322 26.90 -27.56 11.36
C ASP B 322 27.06 -28.51 10.19
N GLU B 323 27.29 -29.78 10.49
CA GLU B 323 27.39 -30.77 9.41
C GLU B 323 26.15 -31.65 9.26
N PHE B 324 25.00 -31.10 9.65
CA PHE B 324 23.70 -31.77 9.59
C PHE B 324 23.72 -33.16 10.25
N ARG B 325 24.30 -33.19 11.44
CA ARG B 325 24.39 -34.40 12.25
C ARG B 325 23.11 -34.59 13.08
N GLY B 326 23.03 -35.70 13.81
CA GLY B 326 21.88 -35.89 14.72
C GLY B 326 20.62 -36.33 13.98
N THR B 327 19.46 -35.83 14.41
CA THR B 327 18.15 -36.35 13.96
C THR B 327 17.27 -35.34 13.21
N ARG B 328 17.53 -34.05 13.37
CA ARG B 328 16.66 -32.99 12.84
C ARG B 328 17.53 -31.75 12.53
N PHE B 329 16.98 -30.79 11.78
CA PHE B 329 17.72 -29.52 11.58
C PHE B 329 17.93 -28.80 12.89
N SER B 330 19.08 -28.14 13.03
CA SER B 330 19.24 -27.15 14.10
C SER B 330 18.18 -26.05 13.92
N GLU B 331 17.92 -25.34 15.01
CA GLU B 331 16.90 -24.30 14.98
C GLU B 331 17.28 -23.08 14.12
N HIS B 332 18.49 -23.07 13.57
CA HIS B 332 18.92 -21.93 12.76
C HIS B 332 18.33 -21.93 11.37
N TRP B 333 17.93 -23.10 10.87
CA TRP B 333 17.57 -23.20 9.46
C TRP B 333 16.11 -23.04 9.20
N GLU B 334 15.79 -22.30 8.15
CA GLU B 334 14.40 -22.20 7.67
C GLU B 334 14.44 -22.25 6.13
N TRP B 335 13.51 -22.99 5.56
CA TRP B 335 13.34 -23.02 4.12
C TRP B 335 12.66 -21.78 3.65
N ASN B 336 12.94 -21.41 2.41
CA ASN B 336 12.15 -20.41 1.72
C ASN B 336 10.86 -21.06 1.20
N HIS B 337 9.72 -20.71 1.81
CA HIS B 337 8.42 -21.42 1.64
C HIS B 337 8.50 -22.85 2.19
N ASN B 338 7.36 -23.54 2.27
CA ASN B 338 7.39 -24.92 2.76
C ASN B 338 8.24 -25.80 1.85
N PRO B 339 9.05 -26.70 2.41
CA PRO B 339 9.83 -27.60 1.54
C PRO B 339 9.00 -28.72 0.91
N ASP B 340 9.50 -29.25 -0.20
CA ASP B 340 9.02 -30.52 -0.73
C ASP B 340 9.77 -31.60 0.03
N THR B 341 9.08 -32.24 0.99
CA THR B 341 9.74 -33.17 1.91
C THR B 341 10.18 -34.46 1.21
N SER B 342 9.61 -34.73 0.03
CA SER B 342 10.00 -35.90 -0.76
C SER B 342 11.35 -35.69 -1.46
N LYS B 343 11.80 -34.45 -1.48
CA LYS B 343 13.00 -34.12 -2.25
C LYS B 343 14.24 -33.78 -1.44
N PHE B 344 14.15 -33.74 -0.11
CA PHE B 344 15.42 -33.62 0.65
C PHE B 344 15.52 -34.75 1.66
N THR B 345 16.73 -35.01 2.14
CA THR B 345 16.99 -36.07 3.11
C THR B 345 18.09 -35.60 4.07
N LEU B 346 17.73 -35.49 5.34
CA LEU B 346 18.72 -35.32 6.41
C LEU B 346 19.26 -36.73 6.73
N LEU B 347 20.44 -37.04 6.22
CA LEU B 347 21.01 -38.38 6.44
C LEU B 347 21.28 -38.68 7.91
N GLY B 348 21.71 -37.66 8.65
CA GLY B 348 21.85 -37.75 10.13
C GLY B 348 23.07 -38.54 10.58
N GLY B 349 23.07 -38.89 11.86
CA GLY B 349 24.19 -39.64 12.44
C GLY B 349 25.38 -38.73 12.61
N ASN B 350 26.49 -39.30 13.05
CA ASN B 350 27.73 -38.54 13.23
C ASN B 350 28.31 -37.99 11.94
N GLU B 351 28.08 -38.69 10.84
CA GLU B 351 28.60 -38.22 9.57
C GLU B 351 27.75 -37.05 9.03
N GLY B 352 26.44 -37.12 9.23
CA GLY B 352 25.54 -36.04 8.81
C GLY B 352 25.46 -35.92 7.31
N GLY B 353 25.15 -34.71 6.85
CA GLY B 353 25.03 -34.40 5.43
C GLY B 353 23.56 -34.28 5.06
N LEU B 354 23.27 -33.33 4.17
CA LEU B 354 21.91 -33.08 3.71
C LEU B 354 21.87 -33.30 2.21
N ILE B 355 20.97 -34.17 1.74
CA ILE B 355 20.76 -34.33 0.30
C ILE B 355 19.67 -33.39 -0.14
N LEU B 356 19.99 -32.55 -1.12
CA LEU B 356 18.99 -31.74 -1.80
C LEU B 356 18.79 -32.29 -3.20
N ARG B 357 17.66 -32.95 -3.46
CA ARG B 357 17.37 -33.39 -4.83
C ARG B 357 16.61 -32.24 -5.50
N THR B 358 16.84 -32.00 -6.78
CA THR B 358 16.13 -30.90 -7.42
C THR B 358 14.64 -31.12 -7.27
N ALA B 359 13.93 -30.05 -6.88
CA ALA B 359 12.49 -30.12 -6.62
C ALA B 359 11.67 -29.29 -7.62
N THR B 360 12.35 -28.42 -8.37
CA THR B 360 11.67 -27.48 -9.27
C THR B 360 12.44 -27.33 -10.58
N VAL B 361 11.71 -27.41 -11.68
CA VAL B 361 12.23 -27.09 -13.01
C VAL B 361 11.87 -25.64 -13.31
N THR B 362 12.89 -24.79 -13.41
CA THR B 362 12.71 -23.33 -13.55
C THR B 362 14.04 -22.66 -13.94
N GLY B 363 13.93 -21.48 -14.56
CA GLY B 363 15.08 -20.62 -14.81
C GLY B 363 15.23 -19.56 -13.72
N ASP B 364 14.30 -19.54 -12.77
CA ASP B 364 14.12 -18.47 -11.78
C ASP B 364 14.40 -18.98 -10.36
N LEU B 365 15.54 -18.61 -9.75
CA LEU B 365 15.81 -19.03 -8.35
C LEU B 365 14.62 -18.79 -7.40
N PHE B 366 13.94 -17.67 -7.56
CA PHE B 366 12.82 -17.33 -6.68
C PHE B 366 11.63 -18.27 -6.82
N ALA B 367 11.57 -19.02 -7.93
CA ALA B 367 10.55 -20.05 -8.12
C ALA B 367 10.95 -21.39 -7.51
N ALA B 368 12.22 -21.52 -7.13
CA ALA B 368 12.75 -22.84 -6.78
C ALA B 368 12.38 -23.26 -5.35
N ARG B 369 11.82 -24.46 -5.22
CA ARG B 369 11.53 -25.04 -3.90
C ARG B 369 12.85 -25.53 -3.28
N ASN B 370 12.83 -25.66 -1.95
CA ASN B 370 13.91 -26.28 -1.17
C ASN B 370 15.21 -25.48 -1.21
N THR B 371 15.07 -24.16 -1.12
CA THR B 371 16.23 -23.31 -0.85
C THR B 371 16.28 -23.17 0.67
N LEU B 372 17.37 -23.62 1.28
CA LEU B 372 17.49 -23.61 2.73
C LEU B 372 18.28 -22.37 3.20
N THR B 373 17.75 -21.64 4.19
CA THR B 373 18.29 -20.33 4.58
C THR B 373 18.59 -20.18 6.09
N ARG B 374 19.41 -19.20 6.41
CA ARG B 374 19.60 -18.84 7.82
C ARG B 374 20.06 -17.39 7.93
N ARG B 375 19.91 -16.85 9.13
CA ARG B 375 20.18 -15.45 9.37
C ARG B 375 21.66 -15.13 9.36
N ILE B 376 21.98 -13.95 8.87
CA ILE B 376 23.36 -13.41 8.94
C ILE B 376 23.56 -12.70 10.27
N ALA B 377 24.63 -13.04 10.99
CA ALA B 377 24.95 -12.33 12.23
C ALA B 377 25.84 -11.14 11.91
N GLY B 378 25.60 -10.01 12.56
CA GLY B 378 26.27 -8.77 12.17
C GLY B 378 27.33 -8.33 13.15
N PRO B 379 28.08 -7.26 12.79
CA PRO B 379 27.88 -6.47 11.56
C PRO B 379 28.46 -7.10 10.28
N LYS B 380 29.39 -8.03 10.42
CA LYS B 380 30.05 -8.64 9.25
C LYS B 380 30.30 -10.13 9.46
N ALA B 381 29.92 -10.94 8.48
CA ALA B 381 30.07 -12.39 8.62
C ALA B 381 30.35 -13.09 7.31
N SER B 382 31.08 -14.19 7.41
CA SER B 382 31.41 -15.02 6.26
C SER B 382 30.62 -16.34 6.40
N GLY B 383 29.83 -16.70 5.38
CA GLY B 383 29.11 -17.99 5.40
C GLY B 383 29.73 -18.96 4.42
N ILE B 384 30.12 -20.14 4.88
CA ILE B 384 30.79 -21.10 4.03
C ILE B 384 29.98 -22.37 3.94
N PHE B 385 29.63 -22.77 2.71
CA PHE B 385 28.98 -24.06 2.47
C PHE B 385 29.99 -25.02 1.81
N ARG B 386 29.93 -26.29 2.18
CA ARG B 386 30.76 -27.31 1.58
C ARG B 386 29.83 -28.32 0.91
N LEU B 387 30.03 -28.58 -0.38
CA LEU B 387 29.13 -29.45 -1.14
C LEU B 387 29.82 -30.58 -1.90
N ASP B 388 29.05 -31.65 -2.16
CA ASP B 388 29.42 -32.69 -3.13
C ASP B 388 28.41 -32.52 -4.24
N VAL B 389 28.89 -32.10 -5.42
CA VAL B 389 28.00 -31.86 -6.53
C VAL B 389 28.13 -32.89 -7.67
N ARG B 390 28.73 -34.04 -7.37
CA ARG B 390 28.90 -35.08 -8.38
C ARG B 390 27.55 -35.60 -8.89
N GLY B 391 26.50 -35.44 -8.10
CA GLY B 391 25.19 -35.96 -8.44
C GLY B 391 24.36 -35.04 -9.31
N ARG B 393 22.74 -33.20 -12.53
CA ARG B 393 22.45 -33.65 -13.89
C ARG B 393 22.35 -32.45 -14.82
N ASP B 394 22.18 -32.71 -16.11
CA ASP B 394 22.19 -31.67 -17.12
C ASP B 394 21.14 -30.59 -16.84
N GLY B 395 21.56 -29.33 -16.80
CA GLY B 395 20.66 -28.21 -16.54
C GLY B 395 20.54 -27.79 -15.09
N ASP B 396 21.19 -28.55 -14.18
CA ASP B 396 21.08 -28.22 -12.76
C ASP B 396 21.90 -26.97 -12.37
N ARG B 397 21.39 -26.21 -11.40
CA ARG B 397 22.07 -25.05 -10.83
C ARG B 397 22.00 -25.15 -9.31
N ALA B 398 23.14 -25.11 -8.64
CA ALA B 398 23.19 -25.26 -7.18
C ALA B 398 24.23 -24.31 -6.64
N GLY B 399 24.08 -23.86 -5.41
CA GLY B 399 25.07 -22.92 -4.91
C GLY B 399 24.70 -22.27 -3.61
N ALA B 400 25.50 -21.27 -3.27
CA ALA B 400 25.39 -20.54 -2.01
C ALA B 400 24.87 -19.17 -2.40
N VAL B 401 23.70 -18.82 -1.88
CA VAL B 401 23.04 -17.58 -2.29
C VAL B 401 23.03 -16.56 -1.14
N LEU B 402 23.22 -15.29 -1.45
CA LEU B 402 22.93 -14.19 -0.52
C LEU B 402 21.50 -13.84 -0.86
N PHE B 403 20.58 -14.29 -0.03
CA PHE B 403 19.17 -14.38 -0.42
C PHE B 403 18.34 -13.25 0.14
N ARG B 404 17.64 -12.55 -0.76
CA ARG B 404 16.61 -11.54 -0.47
C ARG B 404 16.01 -11.14 -1.82
N ASP B 405 15.25 -10.04 -1.86
CA ASP B 405 14.61 -9.59 -3.09
C ASP B 405 15.58 -9.01 -4.13
N ARG B 406 16.81 -8.69 -3.70
CA ARG B 406 17.92 -8.39 -4.60
C ARG B 406 19.06 -9.31 -4.20
N ALA B 407 19.32 -10.33 -5.02
CA ALA B 407 20.10 -11.48 -4.59
C ALA B 407 21.26 -11.74 -5.54
N ALA B 408 22.23 -12.50 -5.05
CA ALA B 408 23.37 -12.90 -5.88
C ALA B 408 23.83 -14.23 -5.33
N TYR B 409 24.50 -15.01 -6.16
CA TYR B 409 25.03 -16.29 -5.68
C TYR B 409 26.34 -16.69 -6.34
N ILE B 410 27.04 -17.61 -5.69
CA ILE B 410 28.14 -18.31 -6.32
C ILE B 410 27.75 -19.79 -6.33
N GLY B 411 27.96 -20.47 -7.43
CA GLY B 411 27.42 -21.82 -7.48
C GLY B 411 27.98 -22.56 -8.66
N VAL B 412 27.33 -23.66 -9.00
CA VAL B 412 27.79 -24.58 -10.05
C VAL B 412 26.65 -24.79 -11.01
N TRP B 413 26.94 -24.64 -12.30
CA TRP B 413 26.01 -25.00 -13.33
C TRP B 413 26.52 -26.21 -14.07
N LYS B 414 25.65 -27.21 -14.21
CA LYS B 414 25.94 -28.46 -14.92
C LYS B 414 25.25 -28.38 -16.28
N GLN B 415 26.02 -28.42 -17.36
CA GLN B 415 25.43 -28.42 -18.69
C GLN B 415 26.08 -29.56 -19.46
N GLY B 416 25.25 -30.48 -19.94
CA GLY B 416 25.73 -31.74 -20.49
C GLY B 416 26.68 -32.38 -19.48
N ASN B 417 27.90 -32.65 -19.90
CA ASN B 417 28.89 -33.23 -19.00
C ASN B 417 29.84 -32.25 -18.35
N GLU B 418 29.59 -30.96 -18.51
CA GLU B 418 30.44 -29.92 -17.92
C GLU B 418 29.82 -29.37 -16.64
N ALA B 419 30.59 -29.34 -15.57
CA ALA B 419 30.26 -28.54 -14.40
C ALA B 419 31.23 -27.36 -14.31
N ARG B 420 30.71 -26.17 -14.05
CA ARG B 420 31.58 -25.03 -13.84
C ARG B 420 31.02 -24.07 -12.80
N ILE B 421 31.94 -23.39 -12.14
CA ILE B 421 31.59 -22.39 -11.14
C ILE B 421 31.19 -21.07 -11.82
N VAL B 422 30.18 -20.42 -11.27
CA VAL B 422 29.69 -19.16 -11.79
C VAL B 422 29.34 -18.24 -10.62
N VAL B 424 26.55 -15.32 -10.07
CA VAL B 424 25.34 -14.77 -10.69
C VAL B 424 24.83 -13.61 -9.85
N ASP B 425 24.51 -12.49 -10.50
CA ASP B 425 23.90 -11.38 -9.79
C ASP B 425 22.67 -10.88 -10.53
N ASP B 426 22.14 -9.74 -10.11
CA ASP B 426 20.93 -9.17 -10.72
C ASP B 426 19.73 -10.13 -10.66
N LEU B 427 19.61 -10.84 -9.54
CA LEU B 427 18.40 -11.61 -9.23
C LEU B 427 17.48 -10.68 -8.47
N ARG B 428 16.33 -10.36 -9.05
CA ARG B 428 15.48 -9.33 -8.48
C ARG B 428 13.99 -9.70 -8.48
N LEU B 429 13.35 -9.50 -7.33
CA LEU B 429 11.88 -9.41 -7.22
C LEU B 429 11.44 -7.96 -7.31
N ASN B 430 10.29 -7.74 -7.90
CA ASN B 430 9.72 -6.41 -7.93
C ASN B 430 8.99 -6.19 -6.60
N GLU B 431 9.23 -5.06 -5.94
CA GLU B 431 8.61 -4.76 -4.63
C GLU B 431 7.09 -4.61 -4.69
N ASP B 432 6.55 -4.22 -5.84
CA ASP B 432 5.10 -4.15 -6.00
C ASP B 432 4.51 -5.52 -6.34
N GLY B 433 4.18 -6.32 -5.33
CA GLY B 433 3.56 -7.60 -5.63
C GLY B 433 4.50 -8.79 -5.70
N TRP B 434 5.82 -8.54 -5.74
CA TRP B 434 6.80 -9.63 -5.57
C TRP B 434 6.82 -10.64 -6.69
N ARG B 435 6.53 -10.18 -7.92
CA ARG B 435 6.80 -11.00 -9.11
C ARG B 435 8.28 -10.89 -9.43
N THR B 436 8.81 -11.85 -10.19
CA THR B 436 10.21 -11.80 -10.59
C THR B 436 10.43 -10.68 -11.61
N ALA B 437 11.44 -9.85 -11.36
CA ALA B 437 11.80 -8.78 -12.27
C ALA B 437 12.99 -9.21 -13.13
N SER B 438 13.88 -10.02 -12.56
CA SER B 438 15.05 -10.49 -13.30
C SER B 438 15.54 -11.83 -12.76
N THR B 439 15.80 -12.78 -13.65
CA THR B 439 16.21 -14.14 -13.26
C THR B 439 17.73 -14.27 -13.24
N GLY B 440 18.41 -13.11 -13.37
CA GLY B 440 19.82 -12.99 -13.12
C GLY B 440 20.69 -13.12 -14.35
N ARG B 441 21.97 -12.80 -14.17
CA ARG B 441 22.95 -13.04 -15.21
C ARG B 441 24.27 -13.48 -14.62
N VAL B 442 25.04 -14.22 -15.40
CA VAL B 442 26.34 -14.66 -14.94
C VAL B 442 27.28 -13.47 -15.04
N ALA B 443 27.65 -12.93 -13.88
CA ALA B 443 28.55 -11.78 -13.81
C ALA B 443 30.02 -12.18 -14.00
N ALA B 444 30.35 -13.42 -13.67
CA ALA B 444 31.68 -13.98 -13.88
C ALA B 444 31.65 -15.51 -13.94
N ASN B 445 32.39 -16.06 -14.90
CA ASN B 445 32.61 -17.50 -14.98
C ASN B 445 33.87 -17.87 -14.25
N GLY B 446 33.76 -18.82 -13.35
CA GLY B 446 34.91 -19.46 -12.76
C GLY B 446 35.28 -20.66 -13.60
N PRO B 447 36.17 -21.51 -13.07
CA PRO B 447 36.67 -22.61 -13.87
C PRO B 447 35.67 -23.78 -14.01
N VAL B 448 35.88 -24.57 -15.06
CA VAL B 448 35.27 -25.89 -15.14
C VAL B 448 35.91 -26.70 -14.01
N ILE B 449 35.11 -27.50 -13.31
CA ILE B 449 35.61 -28.34 -12.20
C ILE B 449 35.48 -29.81 -12.56
N ASP B 450 36.54 -30.60 -12.36
CA ASP B 450 36.49 -32.02 -12.71
C ASP B 450 35.76 -32.78 -11.58
N THR B 451 35.55 -34.07 -11.80
CA THR B 451 34.83 -34.89 -10.80
C THR B 451 35.44 -34.80 -9.40
N ASN B 452 36.76 -34.69 -9.30
CA ASN B 452 37.41 -34.64 -7.98
C ASN B 452 37.14 -33.35 -7.24
N ALA B 453 37.18 -32.23 -7.94
CA ALA B 453 36.82 -30.94 -7.34
C ALA B 453 35.34 -30.96 -6.95
N GLN B 454 34.52 -31.58 -7.79
CA GLN B 454 33.05 -31.65 -7.56
C GLN B 454 32.70 -32.35 -6.24
N GLN B 455 33.52 -33.32 -5.87
CA GLN B 455 33.30 -34.08 -4.63
C GLN B 455 33.37 -33.21 -3.36
N ASP B 456 34.10 -32.10 -3.43
CA ASP B 456 34.27 -31.26 -2.26
C ASP B 456 34.47 -29.78 -2.65
N ILE B 457 33.41 -29.08 -3.01
CA ILE B 457 33.55 -27.68 -3.39
C ILE B 457 33.11 -26.80 -2.23
N TRP B 458 33.89 -25.76 -1.94
CA TRP B 458 33.54 -24.82 -0.87
C TRP B 458 33.14 -23.51 -1.47
N LEU B 459 32.01 -23.00 -1.02
CA LEU B 459 31.50 -21.73 -1.55
C LEU B 459 31.31 -20.78 -0.39
N ARG B 460 31.86 -19.59 -0.53
CA ARG B 460 31.96 -18.67 0.56
C ARG B 460 31.40 -17.30 0.23
N ILE B 461 30.57 -16.80 1.14
CA ILE B 461 29.93 -15.49 1.00
C ILE B 461 30.41 -14.61 2.17
N ASP B 462 31.12 -13.52 1.87
CA ASP B 462 31.51 -12.52 2.89
C ASP B 462 30.54 -11.35 2.84
N ALA B 463 29.61 -11.32 3.79
CA ALA B 463 28.53 -10.34 3.80
C ALA B 463 28.80 -9.22 4.81
N ASP B 464 28.58 -7.99 4.35
CA ASP B 464 28.62 -6.82 5.23
C ASP B 464 27.19 -6.34 5.47
N ILE B 465 26.71 -6.48 6.71
CA ILE B 465 25.38 -5.99 7.08
C ILE B 465 25.45 -4.83 8.07
N THR B 466 26.58 -4.12 8.07
CA THR B 466 26.70 -2.88 8.86
C THR B 466 25.55 -1.96 8.50
N PRO B 467 24.81 -1.49 9.52
CA PRO B 467 23.56 -0.79 9.18
C PRO B 467 23.78 0.40 8.24
N ALA B 468 22.89 0.54 7.27
CA ALA B 468 22.96 1.64 6.33
C ALA B 468 21.57 2.16 6.01
N PHE B 469 20.62 1.90 6.91
CA PHE B 469 19.26 2.31 6.71
C PHE B 469 19.14 3.85 6.68
N GLY B 470 18.49 4.36 5.64
CA GLY B 470 18.38 5.81 5.45
C GLY B 470 19.66 6.51 5.02
N THR B 471 20.72 5.75 4.77
CA THR B 471 21.95 6.33 4.20
C THR B 471 21.90 6.26 2.69
N ASN B 472 22.92 6.80 2.05
CA ASN B 472 23.03 6.79 0.60
C ASN B 472 23.96 5.68 0.13
N THR B 473 24.48 4.89 1.06
CA THR B 473 25.47 3.87 0.73
C THR B 473 24.96 2.45 0.86
N GLU B 474 25.27 1.64 -0.14
CA GLU B 474 24.88 0.24 -0.11
C GLU B 474 26.09 -0.59 0.25
N ARG B 475 25.90 -1.49 1.21
CA ARG B 475 26.96 -2.37 1.67
C ARG B 475 27.22 -3.37 0.56
N THR B 476 28.39 -3.97 0.56
CA THR B 476 28.68 -4.94 -0.48
C THR B 476 29.04 -6.29 0.08
N THR B 477 28.87 -7.31 -0.76
CA THR B 477 29.20 -8.68 -0.42
C THR B 477 30.09 -9.21 -1.52
N THR B 478 31.06 -10.01 -1.13
CA THR B 478 31.95 -10.64 -2.11
C THR B 478 31.88 -12.17 -1.98
N PHE B 479 32.15 -12.86 -3.08
CA PHE B 479 31.96 -14.31 -3.18
C PHE B 479 33.29 -14.99 -3.55
N TYR B 480 33.49 -16.19 -3.01
CA TYR B 480 34.74 -16.94 -3.20
C TYR B 480 34.45 -18.42 -3.34
N TYR B 481 35.33 -19.14 -4.03
CA TYR B 481 35.21 -20.59 -4.08
C TYR B 481 36.55 -21.22 -3.70
N SER B 482 36.49 -22.45 -3.18
CA SER B 482 37.66 -23.31 -3.07
C SER B 482 37.43 -24.65 -3.72
N ILE B 483 38.41 -25.11 -4.49
CA ILE B 483 38.38 -26.45 -5.05
C ILE B 483 39.68 -27.16 -4.68
N ASP B 484 40.29 -26.70 -3.60
CA ASP B 484 41.41 -27.42 -3.01
C ASP B 484 41.11 -27.74 -1.54
N GLY B 485 39.88 -28.17 -1.28
CA GLY B 485 39.48 -28.66 0.02
C GLY B 485 39.39 -27.59 1.11
N GLY B 486 39.14 -26.35 0.71
CA GLY B 486 38.98 -25.24 1.67
C GLY B 486 40.28 -24.59 2.14
N ARG B 487 41.38 -24.89 1.45
CA ARG B 487 42.70 -24.35 1.81
C ARG B 487 42.97 -22.93 1.28
N THR B 488 42.68 -22.71 0.00
CA THR B 488 42.78 -21.37 -0.58
C THR B 488 41.46 -21.00 -1.22
N TYR B 489 41.10 -19.74 -1.10
CA TYR B 489 39.87 -19.22 -1.70
C TYR B 489 40.19 -18.27 -2.87
N THR B 490 39.40 -18.36 -3.93
CA THR B 490 39.56 -17.44 -5.07
C THR B 490 38.33 -16.55 -5.20
N ARG B 491 38.56 -15.24 -5.24
CA ARG B 491 37.49 -14.27 -5.43
C ARG B 491 36.87 -14.48 -6.81
N LEU B 492 35.55 -14.44 -6.91
CA LEU B 492 34.92 -14.52 -8.21
C LEU B 492 33.87 -13.45 -8.34
N GLY B 493 33.98 -12.63 -9.38
CA GLY B 493 32.93 -11.69 -9.67
C GLY B 493 33.07 -10.35 -8.96
N PRO B 494 32.20 -9.41 -9.34
CA PRO B 494 32.29 -8.09 -8.73
C PRO B 494 31.76 -8.10 -7.30
N ALA B 495 31.94 -6.99 -6.60
CA ALA B 495 31.27 -6.81 -5.31
C ALA B 495 29.79 -6.64 -5.61
N PHE B 496 28.94 -7.26 -4.80
CA PHE B 496 27.51 -7.15 -5.01
C PHE B 496 26.95 -6.11 -4.04
N ALA B 497 26.27 -5.10 -4.56
CA ALA B 497 25.68 -4.04 -3.74
C ALA B 497 24.31 -4.48 -3.25
N THR B 499 20.58 -4.11 -1.30
CA THR B 499 19.52 -3.13 -1.09
C THR B 499 19.31 -2.77 0.39
N ASN B 500 19.06 -1.49 0.64
CA ASN B 500 18.66 -1.01 1.97
C ASN B 500 17.15 -0.86 2.14
N SER B 501 16.41 -1.32 1.14
CA SER B 501 14.94 -1.27 1.18
C SER B 501 14.38 -2.09 2.34
N TRP B 502 13.32 -1.57 2.95
CA TRP B 502 12.66 -2.26 4.06
C TRP B 502 11.51 -3.13 3.63
N ARG B 503 11.10 -2.97 2.36
CA ARG B 503 9.86 -3.53 1.87
C ARG B 503 9.70 -5.06 1.95
N TYR B 504 10.79 -5.79 1.74
CA TYR B 504 10.79 -7.24 1.90
C TYR B 504 10.69 -7.66 3.39
N PHE B 505 10.93 -6.70 4.29
CA PHE B 505 10.89 -6.89 5.73
C PHE B 505 12.03 -7.72 6.28
N THR B 506 12.12 -8.97 5.84
CA THR B 506 13.19 -9.89 6.29
C THR B 506 14.55 -9.34 5.87
N GLY B 507 15.58 -9.58 6.70
CA GLY B 507 16.96 -9.21 6.31
C GLY B 507 17.60 -10.11 5.24
N TYR B 508 18.79 -9.76 4.77
CA TYR B 508 19.55 -10.69 3.92
C TYR B 508 19.88 -11.98 4.68
N ARG B 509 19.87 -13.10 3.96
CA ARG B 509 20.17 -14.39 4.57
C ARG B 509 21.24 -15.12 3.78
N PHE B 510 21.92 -16.07 4.44
CA PHE B 510 22.72 -17.06 3.71
C PHE B 510 21.82 -18.21 3.31
N GLY B 511 22.05 -18.80 2.14
CA GLY B 511 21.24 -19.95 1.78
C GLY B 511 21.95 -20.89 0.85
N VAL B 512 21.39 -22.10 0.73
CA VAL B 512 21.86 -23.07 -0.27
C VAL B 512 20.65 -23.51 -1.11
N PHE B 513 20.82 -23.64 -2.43
CA PHE B 513 19.73 -23.96 -3.33
C PHE B 513 20.18 -25.05 -4.32
N ASN B 514 19.20 -25.65 -4.98
CA ASN B 514 19.49 -26.64 -6.03
C ASN B 514 18.21 -26.81 -6.82
N PHE B 515 18.23 -26.42 -8.09
CA PHE B 515 17.07 -26.62 -8.94
C PHE B 515 17.54 -27.01 -10.36
N SER B 516 16.60 -27.28 -11.27
CA SER B 516 17.02 -27.62 -12.63
C SER B 516 16.32 -26.74 -13.63
N THR B 517 16.99 -26.48 -14.75
CA THR B 517 16.38 -25.76 -15.86
C THR B 517 15.83 -26.76 -16.88
N LYS B 518 16.19 -28.03 -16.73
CA LYS B 518 15.76 -29.05 -17.70
C LYS B 518 14.82 -30.09 -17.11
N SER B 519 15.27 -30.76 -16.06
CA SER B 519 14.57 -31.96 -15.61
C SER B 519 14.93 -32.32 -14.18
N LEU B 520 13.95 -32.84 -13.44
CA LEU B 520 14.22 -33.29 -12.07
C LEU B 520 15.03 -34.57 -12.09
N GLY B 521 15.64 -34.90 -10.96
CA GLY B 521 16.43 -36.12 -10.88
C GLY B 521 17.81 -35.99 -10.28
N GLY B 522 18.45 -34.83 -10.47
CA GLY B 522 19.80 -34.57 -9.93
C GLY B 522 19.78 -34.20 -8.46
N GLU B 523 20.95 -34.27 -7.82
CA GLU B 523 21.05 -33.98 -6.40
C GLU B 523 22.43 -33.47 -6.02
N VAL B 524 22.49 -32.67 -4.97
CA VAL B 524 23.77 -32.32 -4.39
C VAL B 524 23.74 -32.67 -2.91
N LYS B 525 24.90 -32.92 -2.33
CA LYS B 525 24.95 -33.15 -0.89
C LYS B 525 25.58 -31.96 -0.25
N VAL B 526 24.88 -31.37 0.72
CA VAL B 526 25.44 -30.27 1.50
C VAL B 526 26.11 -30.92 2.70
N LYS B 527 27.45 -30.89 2.72
CA LYS B 527 28.20 -31.57 3.77
C LYS B 527 28.15 -30.75 5.05
N GLY B 528 28.05 -29.44 4.92
CA GLY B 528 28.13 -28.60 6.12
C GLY B 528 28.13 -27.13 5.82
N PHE B 529 27.99 -26.35 6.89
CA PHE B 529 27.98 -24.92 6.87
C PHE B 529 28.76 -24.40 8.07
N LYS B 530 29.45 -23.29 7.88
CA LYS B 530 30.03 -22.57 8.98
C LYS B 530 29.94 -21.07 8.75
N ASN B 532 31.61 -17.55 10.05
CA ASN B 532 32.71 -16.89 10.76
C ASN B 532 32.51 -15.38 10.80
N ILE B 534 33.60 -11.72 10.71
CA ILE B 534 34.72 -11.03 10.04
C ILE B 534 35.17 -9.85 10.89
#